data_7LKX
#
_entry.id   7LKX
#
_cell.length_a   55.303
_cell.length_b   98.745
_cell.length_c   59.090
_cell.angle_alpha   90.000
_cell.angle_beta   108.050
_cell.angle_gamma   90.000
#
_symmetry.space_group_name_H-M   'P 1 21 1'
#
loop_
_entity.id
_entity.type
_entity.pdbx_description
1 polymer '3C-like proteinase'
2 non-polymer '(1R,2S)-2-((S)-2-(((((1S,2S,4S)-bicyclo[2.2.1]hept-5-en-2-yl)methoxy)carbonyl)amino)-4-methylpentanamido)-1-hydroxy-3-((S)-2-oxopyrrolidin-3-yl)propane-1-sulfonic acid'
3 non-polymer '(1S,2S)-2-((S)-2-(((((1S,2S,4S)-bicyclo[2.2.1]hept-5-en-2-yl)methoxy)carbonyl)amino)-4-methylpentanamido)-1-hydroxy-3-((S)-2-oxopyrrolidin-3-yl)propane-1-sulfonic acid'
4 non-polymer 'TETRAETHYLENE GLYCOL'
5 water water
#
_entity_poly.entity_id   1
_entity_poly.type   'polypeptide(L)'
_entity_poly.pdbx_seq_one_letter_code
;SNIGSGFRKMAFPSGKVEGCMVQVTCGTTTLNGLWLDDVVYCPRHVICTSEDMLNPNYEDLLIRKSNHNFLVQAGNVQLR
VIGHSMQNCVLKLKVDTANPKTPKYKFVRIQPGQTFSVLACYNGSPSGVYQCAMRPNFTIKGSFLNGSCGSVGFNIDYDC
VSFCYMHHMELPTGVHAGTDLEGNFYGPFVDRQTAQAAGTDTTITVNVLAWLYAAVINGDRWFLNRFTTTLNDFNLVAMK
YNYEPLTQDHVDILGPLSAQTGIAVLDMCASLKELLQNGMNGRTILGSALLEDEFTPFDVVRQCSGVTF
;
_entity_poly.pdbx_strand_id   A,B
#
loop_
_chem_comp.id
_chem_comp.type
_chem_comp.name
_chem_comp.formula
PG4 non-polymer 'TETRAETHYLENE GLYCOL' 'C8 H18 O5'
Y51 non-polymer '(1R,2S)-2-((S)-2-(((((1S,2S,4S)-bicyclo[2.2.1]hept-5-en-2-yl)methoxy)carbonyl)amino)-4-methylpentanamido)-1-hydroxy-3-((S)-2-oxopyrrolidin-3-yl)propane-1-sulfonic acid' 'C22 H35 N3 O8 S'
Y71 non-polymer '(1S,2S)-2-((S)-2-(((((1S,2S,4S)-bicyclo[2.2.1]hept-5-en-2-yl)methoxy)carbonyl)amino)-4-methylpentanamido)-1-hydroxy-3-((S)-2-oxopyrrolidin-3-yl)propane-1-sulfonic acid' 'C22 H35 N3 O8 S'
#
# COMPACT_ATOMS: atom_id res chain seq x y z
N LYS A 9 6.12 -3.65 -0.04
CA LYS A 9 4.75 -4.14 -0.15
C LYS A 9 3.95 -3.22 -1.07
N MET A 10 3.59 -3.72 -2.24
CA MET A 10 3.07 -2.89 -3.30
C MET A 10 1.76 -3.46 -3.82
N ALA A 11 0.74 -2.62 -3.85
CA ALA A 11 -0.57 -2.99 -4.34
C ALA A 11 -0.70 -2.63 -5.80
N PHE A 12 -1.61 -3.32 -6.51
CA PHE A 12 -1.96 -2.91 -7.86
C PHE A 12 -2.65 -1.55 -7.85
N PRO A 13 -2.49 -0.77 -8.92
CA PRO A 13 -3.25 0.47 -9.04
C PRO A 13 -4.73 0.16 -9.01
N SER A 14 -5.47 0.93 -8.25
CA SER A 14 -6.87 0.59 -7.91
C SER A 14 -7.90 1.29 -8.79
N GLY A 15 -7.49 2.11 -9.75
CA GLY A 15 -8.47 2.91 -10.50
C GLY A 15 -9.53 2.09 -11.22
N LYS A 16 -9.14 0.98 -11.85
CA LYS A 16 -10.11 0.17 -12.58
C LYS A 16 -11.18 -0.37 -11.65
N VAL A 17 -10.84 -0.61 -10.38
CA VAL A 17 -11.82 -1.12 -9.43
C VAL A 17 -12.63 0.01 -8.81
N GLU A 18 -12.01 1.17 -8.57
CA GLU A 18 -12.71 2.32 -8.00
C GLU A 18 -13.94 2.68 -8.84
N GLY A 19 -13.81 2.59 -10.16
CA GLY A 19 -14.91 2.92 -11.07
C GLY A 19 -16.05 1.95 -11.00
N CYS A 20 -15.94 0.91 -10.20
CA CYS A 20 -17.01 -0.07 -10.05
C CYS A 20 -17.67 -0.06 -8.68
N MET A 21 -17.18 0.73 -7.73
CA MET A 21 -17.75 0.64 -6.39
C MET A 21 -19.01 1.49 -6.28
N VAL A 22 -20.05 0.91 -5.68
CA VAL A 22 -21.28 1.62 -5.39
C VAL A 22 -21.71 1.32 -3.95
N GLN A 23 -22.74 2.03 -3.50
CA GLN A 23 -23.30 1.82 -2.18
C GLN A 23 -24.61 1.06 -2.33
N VAL A 24 -24.86 0.11 -1.42
CA VAL A 24 -26.07 -0.70 -1.43
C VAL A 24 -26.69 -0.61 -0.04
N THR A 25 -27.98 -0.28 0.01
CA THR A 25 -28.68 -0.14 1.27
C THR A 25 -29.98 -0.93 1.23
N CYS A 26 -30.24 -1.64 2.32
CA CYS A 26 -31.50 -2.32 2.54
C CYS A 26 -31.87 -2.09 3.99
N GLY A 27 -33.01 -1.46 4.23
CA GLY A 27 -33.36 -1.13 5.60
C GLY A 27 -32.39 -0.13 6.19
N THR A 28 -31.84 -0.47 7.36
CA THR A 28 -30.82 0.33 8.01
C THR A 28 -29.43 -0.25 7.82
N THR A 29 -29.27 -1.15 6.85
CA THR A 29 -28.00 -1.82 6.60
C THR A 29 -27.41 -1.30 5.29
N THR A 30 -26.20 -0.78 5.36
CA THR A 30 -25.53 -0.23 4.19
C THR A 30 -24.16 -0.88 4.08
N LEU A 31 -23.79 -1.22 2.85
CA LEU A 31 -22.43 -1.69 2.59
C LEU A 31 -22.10 -1.37 1.12
N ASN A 32 -21.00 -1.95 0.65
CA ASN A 32 -20.51 -1.66 -0.68
C ASN A 32 -20.93 -2.75 -1.66
N GLY A 33 -21.09 -2.35 -2.94
CA GLY A 33 -21.28 -3.30 -4.01
C GLY A 33 -20.33 -3.04 -5.17
N LEU A 34 -20.19 -4.08 -6.00
CA LEU A 34 -19.33 -4.06 -7.18
C LEU A 34 -20.22 -4.07 -8.42
N TRP A 35 -20.14 -3.00 -9.21
CA TRP A 35 -21.03 -2.75 -10.35
C TRP A 35 -20.28 -3.07 -11.63
N LEU A 36 -20.63 -4.19 -12.26
CA LEU A 36 -19.99 -4.61 -13.50
C LEU A 36 -21.08 -4.82 -14.53
N ASP A 37 -20.93 -4.18 -15.69
CA ASP A 37 -21.98 -4.17 -16.74
C ASP A 37 -23.28 -3.75 -16.05
N ASP A 38 -24.38 -4.51 -16.14
CA ASP A 38 -25.60 -4.12 -15.45
C ASP A 38 -25.91 -4.95 -14.23
N VAL A 39 -24.89 -5.46 -13.53
CA VAL A 39 -25.11 -6.24 -12.32
C VAL A 39 -24.29 -5.64 -11.18
N VAL A 40 -24.89 -5.56 -10.00
CA VAL A 40 -24.19 -5.16 -8.77
C VAL A 40 -24.10 -6.38 -7.87
N TYR A 41 -22.87 -6.72 -7.47
CA TYR A 41 -22.59 -7.83 -6.57
C TYR A 41 -22.32 -7.30 -5.17
N CYS A 42 -22.90 -7.94 -4.14
CA CYS A 42 -22.64 -7.49 -2.79
C CYS A 42 -22.95 -8.61 -1.82
N PRO A 43 -22.49 -8.50 -0.57
CA PRO A 43 -22.74 -9.55 0.42
C PRO A 43 -24.22 -9.66 0.70
N ARG A 44 -24.71 -10.89 0.77
CA ARG A 44 -26.15 -11.06 0.97
C ARG A 44 -26.62 -10.58 2.34
N HIS A 45 -25.74 -10.47 3.34
CA HIS A 45 -26.21 -10.07 4.67
C HIS A 45 -26.66 -8.60 4.71
N VAL A 46 -26.58 -7.87 3.61
CA VAL A 46 -27.20 -6.55 3.54
C VAL A 46 -28.70 -6.63 3.77
N ILE A 47 -29.31 -7.79 3.50
CA ILE A 47 -30.76 -7.89 3.71
C ILE A 47 -31.13 -8.13 5.17
N CYS A 48 -30.15 -8.33 6.04
CA CYS A 48 -30.43 -8.67 7.43
C CYS A 48 -30.65 -7.42 8.26
N THR A 49 -31.46 -7.56 9.30
CA THR A 49 -31.49 -6.62 10.41
C THR A 49 -30.54 -7.13 11.49
N SER A 50 -30.45 -6.38 12.59
CA SER A 50 -29.65 -6.84 13.72
C SER A 50 -30.15 -8.18 14.22
N GLU A 51 -31.46 -8.30 14.45
CA GLU A 51 -32.03 -9.57 14.91
C GLU A 51 -31.72 -10.69 13.93
N ASP A 52 -31.80 -10.41 12.63
CA ASP A 52 -31.64 -11.46 11.63
C ASP A 52 -30.23 -12.04 11.63
N MET A 53 -29.22 -11.22 11.91
CA MET A 53 -27.84 -11.65 11.71
C MET A 53 -27.43 -12.78 12.64
N LEU A 54 -28.14 -12.96 13.76
CA LEU A 54 -27.73 -13.98 14.74
C LEU A 54 -27.83 -15.38 14.15
N ASN A 55 -28.96 -15.69 13.51
CA ASN A 55 -29.14 -16.98 12.84
C ASN A 55 -30.04 -16.75 11.62
N PRO A 56 -29.47 -16.23 10.55
CA PRO A 56 -30.29 -15.88 9.39
C PRO A 56 -30.63 -17.08 8.52
N ASN A 57 -31.90 -17.15 8.09
CA ASN A 57 -32.32 -18.07 7.04
C ASN A 57 -32.42 -17.24 5.77
N TYR A 58 -31.33 -17.22 4.98
CA TYR A 58 -31.23 -16.23 3.92
C TYR A 58 -32.28 -16.44 2.84
N GLU A 59 -32.55 -17.68 2.44
CA GLU A 59 -33.59 -17.91 1.44
C GLU A 59 -34.92 -17.34 1.91
N ASP A 60 -35.23 -17.52 3.20
CA ASP A 60 -36.47 -17.01 3.76
C ASP A 60 -36.48 -15.49 3.81
N LEU A 61 -35.38 -14.88 4.27
CA LEU A 61 -35.29 -13.43 4.30
C LEU A 61 -35.39 -12.83 2.90
N LEU A 62 -34.82 -13.50 1.90
CA LEU A 62 -34.75 -12.91 0.57
C LEU A 62 -36.10 -12.94 -0.14
N ILE A 63 -36.86 -14.02 0.02
CA ILE A 63 -38.15 -14.10 -0.65
C ILE A 63 -39.09 -13.00 -0.18
N ARG A 64 -38.86 -12.46 1.00
CA ARG A 64 -39.68 -11.38 1.54
C ARG A 64 -39.24 -10.01 1.07
N LYS A 65 -38.21 -9.92 0.22
CA LYS A 65 -37.72 -8.67 -0.32
C LYS A 65 -38.19 -8.48 -1.76
N SER A 66 -38.46 -7.22 -2.12
CA SER A 66 -38.73 -6.83 -3.49
C SER A 66 -37.58 -6.00 -4.03
N ASN A 67 -37.51 -5.89 -5.35
CA ASN A 67 -36.48 -5.06 -5.96
C ASN A 67 -36.40 -3.69 -5.31
N HIS A 68 -37.55 -3.11 -4.94
CA HIS A 68 -37.56 -1.74 -4.45
C HIS A 68 -37.06 -1.59 -3.03
N ASN A 69 -36.82 -2.69 -2.31
CA ASN A 69 -36.20 -2.59 -1.00
C ASN A 69 -34.69 -2.35 -1.08
N PHE A 70 -34.12 -2.39 -2.27
CA PHE A 70 -32.67 -2.22 -2.45
C PHE A 70 -32.41 -0.84 -3.03
N LEU A 71 -31.64 -0.03 -2.31
CA LEU A 71 -31.25 1.30 -2.77
C LEU A 71 -29.77 1.21 -3.16
N VAL A 72 -29.50 1.39 -4.45
CA VAL A 72 -28.14 1.39 -4.99
C VAL A 72 -27.79 2.80 -5.40
N GLN A 73 -26.67 3.32 -4.89
CA GLN A 73 -26.23 4.68 -5.18
C GLN A 73 -24.83 4.63 -5.77
N ALA A 74 -24.68 5.20 -6.96
CA ALA A 74 -23.41 5.40 -7.64
C ALA A 74 -23.11 6.89 -7.55
N GLY A 75 -22.36 7.28 -6.52
CA GLY A 75 -22.23 8.70 -6.22
C GLY A 75 -23.58 9.28 -5.84
N ASN A 76 -23.95 10.39 -6.49
CA ASN A 76 -25.24 11.03 -6.24
C ASN A 76 -26.40 10.36 -6.95
N VAL A 77 -26.13 9.39 -7.83
CA VAL A 77 -27.12 8.86 -8.75
C VAL A 77 -27.67 7.54 -8.21
N GLN A 78 -28.99 7.44 -8.09
CA GLN A 78 -29.63 6.18 -7.77
C GLN A 78 -29.75 5.33 -9.03
N LEU A 79 -29.41 4.06 -8.92
CA LEU A 79 -29.64 3.09 -9.98
C LEU A 79 -30.87 2.28 -9.62
N ARG A 80 -31.71 2.01 -10.60
CA ARG A 80 -32.94 1.26 -10.37
C ARG A 80 -32.67 -0.23 -10.47
N VAL A 81 -32.98 -0.95 -9.39
CA VAL A 81 -32.87 -2.41 -9.37
C VAL A 81 -34.09 -3.00 -10.07
N ILE A 82 -33.83 -3.82 -11.10
CA ILE A 82 -34.89 -4.43 -11.90
C ILE A 82 -34.87 -5.96 -11.79
N GLY A 83 -34.18 -6.50 -10.79
CA GLY A 83 -34.09 -7.93 -10.64
C GLY A 83 -33.07 -8.26 -9.57
N HIS A 84 -33.22 -9.40 -8.90
CA HIS A 84 -32.28 -9.79 -7.86
C HIS A 84 -32.26 -11.31 -7.76
N SER A 85 -31.07 -11.85 -7.50
CA SER A 85 -30.91 -13.25 -7.23
C SER A 85 -29.75 -13.40 -6.26
N MET A 86 -29.63 -14.58 -5.70
CA MET A 86 -28.63 -14.91 -4.69
C MET A 86 -27.83 -16.08 -5.21
N GLN A 87 -26.50 -15.96 -5.15
CA GLN A 87 -25.60 -17.04 -5.52
C GLN A 87 -24.71 -17.26 -4.30
N ASN A 88 -24.94 -18.36 -3.59
CA ASN A 88 -24.19 -18.65 -2.36
C ASN A 88 -24.31 -17.43 -1.46
N CYS A 89 -23.21 -16.84 -0.98
CA CYS A 89 -23.30 -15.73 -0.04
C CYS A 89 -23.29 -14.36 -0.70
N VAL A 90 -23.45 -14.28 -2.02
CA VAL A 90 -23.44 -13.02 -2.76
C VAL A 90 -24.83 -12.79 -3.33
N LEU A 91 -25.28 -11.54 -3.22
CA LEU A 91 -26.51 -11.07 -3.85
C LEU A 91 -26.15 -10.39 -5.17
N LYS A 92 -26.96 -10.64 -6.20
CA LYS A 92 -26.74 -10.04 -7.51
C LYS A 92 -27.95 -9.18 -7.83
N LEU A 93 -27.73 -7.88 -7.98
CA LEU A 93 -28.80 -6.93 -8.24
C LEU A 93 -28.68 -6.47 -9.68
N LYS A 94 -29.70 -6.77 -10.48
CA LYS A 94 -29.71 -6.29 -11.86
C LYS A 94 -30.24 -4.87 -11.84
N VAL A 95 -29.56 -3.98 -12.57
CA VAL A 95 -29.92 -2.58 -12.62
C VAL A 95 -30.17 -2.20 -14.08
N ASP A 96 -30.88 -1.09 -14.25
CA ASP A 96 -31.27 -0.69 -15.60
C ASP A 96 -30.17 0.08 -16.31
N THR A 97 -29.03 0.31 -15.68
CA THR A 97 -27.93 1.07 -16.25
C THR A 97 -26.67 0.23 -16.31
N ALA A 98 -25.97 0.27 -17.44
CA ALA A 98 -24.68 -0.40 -17.55
C ALA A 98 -23.55 0.52 -17.10
N ASN A 99 -22.58 -0.05 -16.36
CA ASN A 99 -21.42 0.73 -15.95
C ASN A 99 -20.43 0.93 -17.09
N PRO A 100 -20.29 2.16 -17.62
CA PRO A 100 -19.31 2.38 -18.70
C PRO A 100 -17.87 2.23 -18.26
N LYS A 101 -17.61 2.25 -16.96
CA LYS A 101 -16.26 2.08 -16.44
C LYS A 101 -15.92 0.63 -16.18
N THR A 102 -16.80 -0.30 -16.52
CA THR A 102 -16.50 -1.72 -16.33
C THR A 102 -15.21 -2.10 -17.04
N PRO A 103 -14.19 -2.59 -16.32
CA PRO A 103 -12.98 -3.06 -16.98
C PRO A 103 -13.19 -4.45 -17.55
N LYS A 104 -12.22 -4.86 -18.38
CA LYS A 104 -12.09 -6.28 -18.69
C LYS A 104 -11.82 -7.02 -17.38
N TYR A 105 -12.57 -8.09 -17.13
CA TYR A 105 -12.43 -8.74 -15.82
C TYR A 105 -12.74 -10.23 -15.88
N LYS A 106 -12.28 -10.92 -14.85
CA LYS A 106 -12.59 -12.30 -14.59
C LYS A 106 -12.87 -12.46 -13.10
N PHE A 107 -13.58 -13.52 -12.75
CA PHE A 107 -13.72 -13.97 -11.38
C PHE A 107 -12.85 -15.20 -11.19
N VAL A 108 -11.97 -15.16 -10.19
CA VAL A 108 -11.11 -16.31 -9.93
C VAL A 108 -11.19 -16.64 -8.45
N ARG A 109 -10.93 -17.90 -8.13
CA ARG A 109 -10.77 -18.34 -6.76
C ARG A 109 -9.28 -18.57 -6.53
N ILE A 110 -8.70 -17.88 -5.56
CA ILE A 110 -7.26 -17.96 -5.38
C ILE A 110 -6.93 -19.08 -4.40
N GLN A 111 -5.66 -19.53 -4.47
CA GLN A 111 -5.14 -20.57 -3.62
C GLN A 111 -4.53 -19.96 -2.36
N PRO A 112 -4.54 -20.66 -1.24
CA PRO A 112 -3.81 -20.14 -0.08
C PRO A 112 -2.35 -19.91 -0.43
N GLY A 113 -1.80 -18.84 0.10
CA GLY A 113 -0.45 -18.43 -0.21
C GLY A 113 -0.37 -17.37 -1.28
N GLN A 114 -1.38 -17.26 -2.14
CA GLN A 114 -1.41 -16.23 -3.17
C GLN A 114 -1.77 -14.88 -2.56
N THR A 115 -1.36 -13.83 -3.24
CA THR A 115 -1.56 -12.47 -2.78
C THR A 115 -2.55 -11.75 -3.69
N PHE A 116 -3.10 -10.67 -3.16
CA PHE A 116 -4.02 -9.83 -3.93
C PHE A 116 -4.06 -8.46 -3.27
N SER A 117 -4.56 -7.49 -4.03
CA SER A 117 -4.78 -6.16 -3.52
C SER A 117 -6.22 -6.01 -3.05
N VAL A 118 -6.41 -5.28 -1.94
CA VAL A 118 -7.72 -4.97 -1.41
C VAL A 118 -7.97 -3.49 -1.57
N LEU A 119 -9.12 -3.13 -2.11
CA LEU A 119 -9.59 -1.74 -2.14
C LEU A 119 -10.63 -1.63 -1.04
N ALA A 120 -10.23 -1.08 0.09
CA ALA A 120 -11.15 -0.90 1.20
C ALA A 120 -12.06 0.30 0.94
N CYS A 121 -13.36 0.10 1.07
CA CYS A 121 -14.37 1.09 0.74
C CYS A 121 -15.37 1.20 1.88
N TYR A 122 -15.94 2.40 2.02
CA TYR A 122 -16.99 2.69 2.98
C TYR A 122 -18.05 3.54 2.29
N ASN A 123 -19.31 3.13 2.41
CA ASN A 123 -20.42 3.85 1.78
C ASN A 123 -20.19 4.05 0.29
N GLY A 124 -19.66 3.01 -0.35
CA GLY A 124 -19.44 3.02 -1.77
C GLY A 124 -18.24 3.84 -2.23
N SER A 125 -17.49 4.45 -1.31
CA SER A 125 -16.35 5.31 -1.64
C SER A 125 -15.04 4.67 -1.25
N PRO A 126 -14.07 4.65 -2.16
CA PRO A 126 -12.77 4.05 -1.84
C PRO A 126 -12.00 4.84 -0.79
N SER A 127 -11.38 4.09 0.13
CA SER A 127 -10.67 4.62 1.28
C SER A 127 -9.16 4.32 1.24
N GLY A 128 -8.76 3.10 0.86
CA GLY A 128 -7.35 2.75 0.85
C GLY A 128 -7.13 1.48 0.09
N VAL A 129 -5.87 1.23 -0.26
CA VAL A 129 -5.50 0.02 -0.98
CA VAL A 129 -5.47 0.05 -1.02
C VAL A 129 -4.27 -0.59 -0.34
N TYR A 130 -4.29 -1.92 -0.24
CA TYR A 130 -3.15 -2.60 0.33
C TYR A 130 -3.14 -4.03 -0.15
N GLN A 131 -1.99 -4.66 0.04
CA GLN A 131 -1.73 -6.03 -0.37
C GLN A 131 -1.97 -6.99 0.80
N CYS A 132 -2.63 -8.11 0.52
CA CYS A 132 -3.05 -9.15 1.45
C CYS A 132 -2.60 -10.48 0.87
N ALA A 133 -2.40 -11.47 1.73
CA ALA A 133 -2.23 -12.85 1.29
C ALA A 133 -3.40 -13.66 1.81
N MET A 134 -3.86 -14.63 1.01
CA MET A 134 -4.79 -15.63 1.53
C MET A 134 -4.00 -16.56 2.47
N ARG A 135 -4.31 -16.55 3.76
CA ARG A 135 -3.56 -17.36 4.72
C ARG A 135 -3.82 -18.85 4.47
N PRO A 136 -2.92 -19.72 4.93
CA PRO A 136 -3.19 -21.16 4.80
C PRO A 136 -4.47 -21.58 5.47
N ASN A 137 -4.88 -20.93 6.57
CA ASN A 137 -6.15 -21.23 7.23
C ASN A 137 -7.30 -20.43 6.66
N PHE A 138 -7.09 -19.79 5.51
CA PHE A 138 -8.11 -19.14 4.70
C PHE A 138 -8.70 -17.90 5.35
N THR A 139 -7.98 -17.29 6.28
CA THR A 139 -8.26 -15.94 6.73
C THR A 139 -7.34 -14.98 5.97
N ILE A 140 -7.62 -13.69 6.10
CA ILE A 140 -6.74 -12.65 5.60
C ILE A 140 -6.50 -11.65 6.73
N LYS A 141 -5.28 -11.16 6.80
CA LYS A 141 -4.94 -10.21 7.85
C LYS A 141 -5.17 -8.84 7.21
N GLY A 142 -6.42 -8.39 7.29
CA GLY A 142 -6.84 -7.18 6.63
C GLY A 142 -6.91 -6.00 7.58
N SER A 143 -7.27 -4.87 6.99
CA SER A 143 -7.64 -3.66 7.72
C SER A 143 -9.03 -3.29 7.23
N PHE A 144 -10.04 -3.73 7.96
CA PHE A 144 -11.44 -3.55 7.62
C PHE A 144 -12.20 -3.12 8.86
N LEU A 145 -13.04 -2.11 8.72
CA LEU A 145 -13.85 -1.57 9.79
C LEU A 145 -15.32 -1.77 9.48
N ASN A 146 -16.18 -1.34 10.42
CA ASN A 146 -17.61 -1.32 10.16
C ASN A 146 -17.89 -0.62 8.84
N GLY A 147 -18.72 -1.25 8.02
CA GLY A 147 -19.11 -0.69 6.74
C GLY A 147 -18.22 -1.08 5.59
N SER A 148 -17.19 -1.88 5.83
CA SER A 148 -16.27 -2.27 4.75
C SER A 148 -16.77 -3.45 3.93
N CYS A 149 -17.83 -4.13 4.35
CA CYS A 149 -18.27 -5.29 3.61
C CYS A 149 -18.60 -4.94 2.15
N GLY A 150 -18.34 -5.87 1.25
CA GLY A 150 -18.44 -5.60 -0.16
C GLY A 150 -17.18 -5.03 -0.80
N SER A 151 -16.24 -4.57 0.01
CA SER A 151 -14.90 -4.31 -0.52
C SER A 151 -14.36 -5.57 -1.16
N VAL A 152 -13.56 -5.40 -2.23
CA VAL A 152 -13.09 -6.55 -2.99
C VAL A 152 -11.58 -6.59 -3.05
N GLY A 153 -11.08 -7.79 -3.30
CA GLY A 153 -9.68 -8.04 -3.57
C GLY A 153 -9.49 -8.50 -5.01
N PHE A 154 -8.31 -8.22 -5.57
CA PHE A 154 -8.12 -8.40 -6.99
C PHE A 154 -6.65 -8.42 -7.33
N ASN A 155 -6.35 -8.95 -8.52
CA ASN A 155 -5.06 -8.85 -9.18
C ASN A 155 -5.30 -8.26 -10.56
N ILE A 156 -4.28 -7.65 -11.16
CA ILE A 156 -4.40 -7.07 -12.49
C ILE A 156 -3.28 -7.64 -13.35
N ASP A 157 -3.65 -8.25 -14.47
CA ASP A 157 -2.71 -8.78 -15.45
C ASP A 157 -3.04 -8.14 -16.79
N TYR A 158 -2.06 -7.44 -17.37
CA TYR A 158 -2.28 -6.63 -18.57
C TYR A 158 -3.37 -5.62 -18.21
N ASP A 159 -4.49 -5.57 -18.92
CA ASP A 159 -5.57 -4.66 -18.59
C ASP A 159 -6.72 -5.36 -17.90
N CYS A 160 -6.54 -6.62 -17.50
CA CYS A 160 -7.64 -7.46 -17.02
C CYS A 160 -7.61 -7.55 -15.50
N VAL A 161 -8.75 -7.24 -14.88
CA VAL A 161 -8.89 -7.32 -13.43
C VAL A 161 -9.47 -8.69 -13.08
N SER A 162 -8.75 -9.44 -12.26
CA SER A 162 -9.21 -10.72 -11.76
C SER A 162 -9.65 -10.49 -10.33
N PHE A 163 -10.97 -10.50 -10.11
CA PHE A 163 -11.54 -10.37 -8.79
C PHE A 163 -11.50 -11.71 -8.08
N CYS A 164 -10.99 -11.74 -6.85
CA CYS A 164 -10.85 -12.98 -6.12
C CYS A 164 -11.46 -12.98 -4.72
N TYR A 165 -11.86 -11.82 -4.19
CA TYR A 165 -12.27 -11.74 -2.79
C TYR A 165 -13.33 -10.67 -2.65
N MET A 166 -14.38 -10.97 -1.89
CA MET A 166 -15.30 -9.98 -1.38
C MET A 166 -15.37 -10.10 0.13
N HIS A 167 -15.40 -8.98 0.82
CA HIS A 167 -15.27 -8.97 2.27
C HIS A 167 -16.61 -9.13 2.98
N HIS A 168 -16.67 -10.05 3.96
CA HIS A 168 -17.87 -10.29 4.75
C HIS A 168 -17.74 -10.12 6.26
N MET A 169 -16.61 -10.44 6.89
CA MET A 169 -16.63 -10.43 8.35
C MET A 169 -15.24 -10.38 8.97
N GLU A 170 -15.27 -10.15 10.28
CA GLU A 170 -14.09 -10.13 11.13
C GLU A 170 -14.23 -11.23 12.17
N LEU A 171 -13.14 -11.85 12.53
CA LEU A 171 -13.18 -12.87 13.58
C LEU A 171 -12.70 -12.27 14.89
N PRO A 172 -12.98 -12.93 16.00
CA PRO A 172 -12.55 -12.40 17.30
C PRO A 172 -11.07 -12.10 17.40
N THR A 173 -10.21 -12.86 16.70
CA THR A 173 -8.78 -12.61 16.74
C THR A 173 -8.37 -11.36 15.97
N GLY A 174 -9.30 -10.73 15.26
CA GLY A 174 -9.01 -9.55 14.48
C GLY A 174 -8.67 -9.78 13.02
N VAL A 175 -8.60 -11.04 12.57
CA VAL A 175 -8.37 -11.34 11.16
C VAL A 175 -9.73 -11.34 10.48
N HIS A 176 -9.74 -11.55 9.16
CA HIS A 176 -10.93 -11.32 8.35
C HIS A 176 -11.25 -12.52 7.46
N ALA A 177 -12.53 -12.60 7.06
CA ALA A 177 -12.97 -13.72 6.25
C ALA A 177 -13.99 -13.22 5.22
N GLY A 178 -14.01 -13.92 4.10
CA GLY A 178 -14.89 -13.53 3.01
C GLY A 178 -14.95 -14.59 1.95
N THR A 179 -15.53 -14.22 0.81
CA THR A 179 -15.85 -15.15 -0.26
C THR A 179 -15.13 -14.77 -1.55
N ASP A 180 -15.17 -15.71 -2.50
CA ASP A 180 -14.92 -15.40 -3.89
C ASP A 180 -16.17 -14.73 -4.47
N LEU A 181 -16.10 -14.35 -5.73
CA LEU A 181 -17.18 -13.58 -6.33
C LEU A 181 -18.31 -14.49 -6.78
N GLU A 182 -18.16 -15.80 -6.60
CA GLU A 182 -19.30 -16.71 -6.67
C GLU A 182 -20.00 -16.87 -5.33
N GLY A 183 -19.53 -16.20 -4.29
CA GLY A 183 -20.19 -16.23 -3.01
C GLY A 183 -19.82 -17.40 -2.11
N ASN A 184 -18.78 -18.15 -2.45
CA ASN A 184 -18.33 -19.24 -1.59
C ASN A 184 -17.22 -18.78 -0.67
N PHE A 185 -17.39 -18.99 0.63
CA PHE A 185 -16.35 -18.59 1.57
C PHE A 185 -15.03 -19.27 1.28
N TYR A 186 -13.95 -18.53 1.51
CA TYR A 186 -12.66 -19.12 1.81
C TYR A 186 -12.69 -19.56 3.27
N GLY A 187 -12.45 -20.85 3.52
CA GLY A 187 -12.38 -21.36 4.85
C GLY A 187 -13.73 -21.84 5.40
N PRO A 188 -13.71 -22.30 6.63
CA PRO A 188 -14.87 -22.97 7.23
C PRO A 188 -15.82 -21.99 7.90
N PHE A 189 -16.01 -20.83 7.30
CA PHE A 189 -16.73 -19.75 7.96
C PHE A 189 -18.11 -19.64 7.37
N VAL A 190 -18.97 -18.93 8.08
CA VAL A 190 -20.37 -18.73 7.71
CA VAL A 190 -20.36 -18.72 7.67
C VAL A 190 -20.73 -17.27 7.96
N ASP A 191 -21.61 -16.72 7.11
CA ASP A 191 -22.04 -15.33 7.26
C ASP A 191 -23.19 -15.24 8.25
N ARG A 192 -22.84 -15.45 9.52
CA ARG A 192 -23.74 -15.27 10.66
C ARG A 192 -22.99 -14.53 11.75
N GLN A 193 -23.72 -13.75 12.53
CA GLN A 193 -23.12 -12.93 13.60
C GLN A 193 -22.88 -13.82 14.82
N THR A 194 -21.81 -14.60 14.76
CA THR A 194 -21.40 -15.46 15.85
C THR A 194 -19.88 -15.56 15.85
N ALA A 195 -19.31 -15.77 17.03
CA ALA A 195 -17.86 -15.83 17.14
C ALA A 195 -17.34 -17.12 16.51
N GLN A 196 -16.43 -16.97 15.56
CA GLN A 196 -15.88 -18.08 14.81
C GLN A 196 -14.36 -18.06 14.90
N ALA A 197 -13.79 -19.23 15.12
CA ALA A 197 -12.35 -19.42 15.15
C ALA A 197 -11.90 -20.11 13.88
N ALA A 198 -10.67 -19.80 13.47
CA ALA A 198 -10.04 -20.40 12.32
C ALA A 198 -9.20 -21.60 12.74
N GLY A 199 -8.88 -22.44 11.75
CA GLY A 199 -7.89 -23.47 11.97
C GLY A 199 -6.54 -22.87 12.30
N THR A 200 -5.64 -23.73 12.79
CA THR A 200 -4.30 -23.26 13.11
C THR A 200 -3.62 -22.71 11.87
N ASP A 201 -3.10 -21.51 11.98
CA ASP A 201 -2.46 -20.95 10.82
C ASP A 201 -1.03 -21.46 10.72
N THR A 202 -0.53 -21.45 9.51
CA THR A 202 0.85 -21.82 9.22
C THR A 202 1.46 -20.69 8.41
N THR A 203 2.79 -20.73 8.30
CA THR A 203 3.54 -19.74 7.56
C THR A 203 3.78 -20.21 6.13
N ILE A 204 3.66 -19.26 5.17
CA ILE A 204 3.76 -19.60 3.75
C ILE A 204 5.24 -19.66 3.38
N THR A 205 5.79 -20.87 3.37
CA THR A 205 7.24 -21.08 3.24
C THR A 205 7.78 -20.54 1.93
N VAL A 206 7.13 -20.85 0.81
CA VAL A 206 7.66 -20.40 -0.46
C VAL A 206 7.79 -18.87 -0.47
N ASN A 207 6.89 -18.18 0.23
CA ASN A 207 6.93 -16.72 0.29
C ASN A 207 8.04 -16.21 1.20
N VAL A 208 8.29 -16.90 2.31
CA VAL A 208 9.44 -16.52 3.15
C VAL A 208 10.73 -16.63 2.35
N LEU A 209 10.88 -17.70 1.58
CA LEU A 209 12.08 -17.85 0.76
C LEU A 209 12.19 -16.71 -0.24
N ALA A 210 11.07 -16.38 -0.90
CA ALA A 210 11.09 -15.29 -1.87
C ALA A 210 11.52 -13.99 -1.22
N TRP A 211 11.08 -13.76 0.01
CA TRP A 211 11.42 -12.55 0.72
C TRP A 211 12.88 -12.55 1.16
N LEU A 212 13.40 -13.71 1.53
CA LEU A 212 14.84 -13.81 1.80
C LEU A 212 15.65 -13.51 0.55
N TYR A 213 15.23 -14.02 -0.61
CA TYR A 213 15.92 -13.65 -1.85
C TYR A 213 15.87 -12.14 -2.07
N ALA A 214 14.70 -11.54 -1.84
CA ALA A 214 14.59 -10.09 -1.94
C ALA A 214 15.58 -9.39 -1.02
N ALA A 215 15.77 -9.90 0.20
CA ALA A 215 16.69 -9.26 1.12
C ALA A 215 18.12 -9.31 0.59
N VAL A 216 18.46 -10.40 -0.10
CA VAL A 216 19.79 -10.53 -0.69
C VAL A 216 19.96 -9.56 -1.86
N ILE A 217 19.02 -9.58 -2.80
CA ILE A 217 19.13 -8.70 -3.96
C ILE A 217 19.37 -7.26 -3.51
N ASN A 218 18.75 -6.85 -2.40
CA ASN A 218 19.00 -5.54 -1.82
C ASN A 218 20.16 -5.54 -0.82
N GLY A 219 21.13 -6.44 -0.99
CA GLY A 219 22.39 -6.35 -0.28
C GLY A 219 22.40 -6.84 1.15
N ASP A 220 21.31 -7.43 1.64
CA ASP A 220 21.23 -7.91 3.02
C ASP A 220 21.37 -9.43 2.98
N ARG A 221 22.46 -9.96 3.59
CA ARG A 221 22.70 -11.40 3.52
C ARG A 221 23.41 -11.96 4.76
N TRP A 222 23.24 -11.32 5.92
CA TRP A 222 23.87 -11.83 7.14
C TRP A 222 23.36 -13.22 7.51
N PHE A 223 22.16 -13.59 7.07
CA PHE A 223 21.52 -14.84 7.46
C PHE A 223 21.95 -16.03 6.61
N LEU A 224 22.72 -15.81 5.55
CA LEU A 224 23.16 -16.90 4.69
C LEU A 224 24.18 -17.79 5.40
N ASN A 225 24.31 -19.00 4.88
CA ASN A 225 25.28 -19.96 5.39
C ASN A 225 25.77 -20.82 4.22
N ARG A 226 26.90 -21.49 4.44
CA ARG A 226 27.46 -22.39 3.45
C ARG A 226 26.84 -23.79 3.47
N PHE A 227 25.91 -24.04 4.40
CA PHE A 227 25.29 -25.34 4.51
C PHE A 227 24.28 -25.56 3.37
N THR A 228 23.82 -26.80 3.26
CA THR A 228 22.77 -27.15 2.33
C THR A 228 21.87 -28.19 2.99
N THR A 229 20.82 -28.57 2.29
CA THR A 229 19.82 -29.46 2.85
C THR A 229 19.09 -30.12 1.70
N THR A 230 18.57 -31.31 1.96
CA THR A 230 17.65 -31.92 1.03
C THR A 230 16.25 -31.32 1.20
N LEU A 231 15.44 -31.50 0.17
CA LEU A 231 14.09 -30.98 0.21
C LEU A 231 13.29 -31.63 1.34
N ASN A 232 13.42 -32.95 1.50
CA ASN A 232 12.59 -33.61 2.52
C ASN A 232 13.06 -33.27 3.92
N ASP A 233 14.37 -33.17 4.12
CA ASP A 233 14.88 -32.80 5.43
C ASP A 233 14.46 -31.38 5.79
N PHE A 234 14.47 -30.48 4.82
CA PHE A 234 13.95 -29.15 5.08
C PHE A 234 12.47 -29.21 5.47
N ASN A 235 11.68 -29.99 4.73
CA ASN A 235 10.24 -30.05 4.99
C ASN A 235 9.95 -30.64 6.37
N LEU A 236 10.81 -31.54 6.86
CA LEU A 236 10.58 -32.05 8.21
C LEU A 236 10.70 -30.94 9.23
N VAL A 237 11.74 -30.11 9.09
CA VAL A 237 11.94 -28.99 10.02
C VAL A 237 10.84 -27.96 9.84
N ALA A 238 10.48 -27.65 8.58
CA ALA A 238 9.42 -26.69 8.34
C ALA A 238 8.13 -27.09 9.04
N MET A 239 7.70 -28.33 8.87
CA MET A 239 6.45 -28.78 9.48
C MET A 239 6.52 -28.68 11.00
N LYS A 240 7.68 -28.99 11.57
CA LYS A 240 7.84 -28.89 13.02
C LYS A 240 7.55 -27.49 13.51
N TYR A 241 7.90 -26.47 12.72
CA TYR A 241 7.74 -25.07 13.09
C TYR A 241 6.46 -24.46 12.51
N ASN A 242 5.52 -25.31 12.09
CA ASN A 242 4.26 -24.87 11.51
C ASN A 242 4.48 -23.97 10.30
N TYR A 243 5.44 -24.36 9.46
CA TYR A 243 5.59 -23.82 8.13
C TYR A 243 4.98 -24.81 7.14
N GLU A 244 4.38 -24.28 6.06
CA GLU A 244 3.84 -25.13 5.01
C GLU A 244 4.96 -25.89 4.31
N PRO A 245 4.67 -27.09 3.81
CA PRO A 245 5.68 -27.81 3.04
C PRO A 245 6.02 -27.10 1.74
N LEU A 246 7.26 -27.26 1.31
CA LEU A 246 7.74 -26.75 0.04
C LEU A 246 7.66 -27.88 -0.98
N THR A 247 6.99 -27.63 -2.09
CA THR A 247 6.88 -28.58 -3.17
C THR A 247 7.95 -28.33 -4.22
N GLN A 248 8.11 -29.29 -5.13
CA GLN A 248 9.06 -29.10 -6.23
C GLN A 248 8.60 -27.96 -7.15
N ASP A 249 7.30 -27.81 -7.33
CA ASP A 249 6.83 -26.64 -8.08
C ASP A 249 7.22 -25.35 -7.40
N HIS A 250 7.15 -25.30 -6.06
CA HIS A 250 7.66 -24.12 -5.36
C HIS A 250 9.13 -23.90 -5.68
N VAL A 251 9.92 -24.98 -5.60
CA VAL A 251 11.34 -24.85 -5.96
C VAL A 251 11.49 -24.32 -7.37
N ASP A 252 10.70 -24.85 -8.31
CA ASP A 252 10.82 -24.38 -9.68
C ASP A 252 10.45 -22.90 -9.78
N ILE A 253 9.37 -22.50 -9.10
CA ILE A 253 8.91 -21.12 -9.12
C ILE A 253 9.94 -20.15 -8.57
N LEU A 254 10.87 -20.63 -7.74
CA LEU A 254 11.89 -19.78 -7.15
C LEU A 254 13.12 -19.66 -8.04
N GLY A 255 13.15 -20.38 -9.17
CA GLY A 255 14.32 -20.46 -10.01
C GLY A 255 14.88 -19.10 -10.39
N PRO A 256 14.07 -18.29 -11.05
CA PRO A 256 14.55 -16.96 -11.47
C PRO A 256 15.25 -16.22 -10.36
N LEU A 257 14.68 -16.23 -9.16
CA LEU A 257 15.34 -15.60 -8.03
C LEU A 257 16.62 -16.33 -7.66
N SER A 258 16.62 -17.67 -7.77
CA SER A 258 17.84 -18.42 -7.51
C SER A 258 18.92 -18.05 -8.51
N ALA A 259 18.61 -18.14 -9.80
CA ALA A 259 19.54 -17.74 -10.84
C ALA A 259 20.03 -16.32 -10.62
N GLN A 260 19.10 -15.39 -10.41
CA GLN A 260 19.46 -13.99 -10.28
C GLN A 260 20.54 -13.77 -9.23
N THR A 261 20.40 -14.42 -8.07
CA THR A 261 21.36 -14.28 -6.99
C THR A 261 22.42 -15.37 -6.98
N GLY A 262 22.27 -16.40 -7.82
CA GLY A 262 23.20 -17.51 -7.77
C GLY A 262 23.14 -18.33 -6.50
N ILE A 263 22.08 -18.22 -5.72
CA ILE A 263 21.89 -19.01 -4.51
C ILE A 263 20.87 -20.10 -4.83
N ALA A 264 21.30 -21.36 -4.76
CA ALA A 264 20.39 -22.45 -5.06
C ALA A 264 19.27 -22.46 -4.04
N VAL A 265 18.09 -22.88 -4.50
CA VAL A 265 16.92 -22.90 -3.64
C VAL A 265 17.21 -23.63 -2.34
N LEU A 266 17.75 -24.85 -2.44
CA LEU A 266 18.00 -25.63 -1.23
C LEU A 266 19.07 -25.03 -0.34
N ASP A 267 19.98 -24.22 -0.88
CA ASP A 267 20.89 -23.45 -0.03
C ASP A 267 20.13 -22.40 0.78
N MET A 268 19.18 -21.72 0.15
CA MET A 268 18.35 -20.78 0.89
C MET A 268 17.46 -21.50 1.91
N CYS A 269 17.00 -22.70 1.58
CA CYS A 269 16.27 -23.50 2.56
C CYS A 269 17.13 -23.78 3.79
N ALA A 270 18.42 -24.05 3.59
CA ALA A 270 19.32 -24.27 4.71
C ALA A 270 19.46 -23.00 5.55
N SER A 271 19.50 -21.84 4.92
CA SER A 271 19.51 -20.59 5.68
C SER A 271 18.24 -20.46 6.52
N LEU A 272 17.09 -20.67 5.89
CA LEU A 272 15.82 -20.56 6.62
C LEU A 272 15.75 -21.56 7.77
N LYS A 273 16.21 -22.79 7.53
CA LYS A 273 16.26 -23.77 8.62
C LYS A 273 17.03 -23.22 9.82
N GLU A 274 18.19 -22.61 9.57
CA GLU A 274 19.01 -22.05 10.65
C GLU A 274 18.26 -20.94 11.37
N LEU A 275 17.52 -20.10 10.63
CA LEU A 275 16.73 -19.04 11.23
C LEU A 275 15.60 -19.60 12.10
N LEU A 276 14.91 -20.64 11.63
CA LEU A 276 13.83 -21.21 12.43
C LEU A 276 14.37 -21.78 13.73
N GLN A 277 15.55 -22.37 13.70
CA GLN A 277 16.09 -23.07 14.86
C GLN A 277 16.81 -22.14 15.83
N ASN A 278 17.39 -21.06 15.34
CA ASN A 278 18.17 -20.13 16.17
C ASN A 278 17.53 -18.76 16.35
N GLY A 279 16.48 -18.45 15.60
CA GLY A 279 15.92 -17.11 15.65
C GLY A 279 16.85 -16.11 14.99
N MET A 280 16.40 -14.86 15.00
CA MET A 280 17.15 -13.78 14.35
C MET A 280 18.17 -13.13 15.28
N ASN A 281 18.22 -13.53 16.54
CA ASN A 281 19.25 -13.06 17.48
C ASN A 281 19.27 -11.53 17.54
N GLY A 282 18.09 -10.92 17.60
CA GLY A 282 17.97 -9.49 17.69
C GLY A 282 18.20 -8.74 16.40
N ARG A 283 18.64 -9.43 15.34
CA ARG A 283 18.89 -8.78 14.06
C ARG A 283 17.57 -8.67 13.27
N THR A 284 17.64 -7.98 12.14
CA THR A 284 16.49 -7.73 11.30
C THR A 284 16.84 -8.02 9.84
N ILE A 285 15.80 -8.24 9.05
CA ILE A 285 15.93 -8.52 7.64
C ILE A 285 14.97 -7.62 6.90
N LEU A 286 15.48 -6.82 5.98
CA LEU A 286 14.69 -5.80 5.29
C LEU A 286 13.86 -5.01 6.30
N GLY A 287 14.45 -4.72 7.45
CA GLY A 287 13.80 -3.92 8.47
C GLY A 287 12.92 -4.67 9.45
N SER A 288 12.61 -5.93 9.18
CA SER A 288 11.65 -6.68 9.98
C SER A 288 12.35 -7.53 11.03
N ALA A 289 11.79 -7.57 12.24
CA ALA A 289 12.22 -8.52 13.26
C ALA A 289 11.59 -9.88 13.10
N LEU A 290 10.74 -10.07 12.09
CA LEU A 290 10.04 -11.32 11.88
C LEU A 290 10.16 -11.69 10.41
N LEU A 291 10.04 -12.99 10.13
CA LEU A 291 10.11 -13.47 8.76
C LEU A 291 8.78 -13.17 8.06
N GLU A 292 8.85 -12.44 6.95
CA GLU A 292 7.65 -12.00 6.25
C GLU A 292 7.24 -13.06 5.24
N ASP A 293 5.93 -13.40 5.21
CA ASP A 293 5.47 -14.45 4.31
C ASP A 293 4.31 -14.02 3.41
N GLU A 294 4.12 -12.71 3.17
CA GLU A 294 3.07 -12.25 2.27
C GLU A 294 3.60 -11.61 0.99
N PHE A 295 4.81 -11.99 0.55
CA PHE A 295 5.32 -11.71 -0.79
C PHE A 295 5.51 -13.03 -1.52
N THR A 296 4.87 -13.18 -2.67
CA THR A 296 5.06 -14.36 -3.50
C THR A 296 6.34 -14.20 -4.31
N PRO A 297 6.82 -15.28 -4.91
CA PRO A 297 7.95 -15.14 -5.84
C PRO A 297 7.66 -14.19 -6.99
N PHE A 298 6.44 -14.24 -7.54
CA PHE A 298 6.05 -13.30 -8.58
C PHE A 298 6.09 -11.87 -8.07
N ASP A 299 5.50 -11.61 -6.91
CA ASP A 299 5.54 -10.27 -6.32
C ASP A 299 6.97 -9.77 -6.23
N VAL A 300 7.90 -10.63 -5.82
CA VAL A 300 9.28 -10.20 -5.67
C VAL A 300 9.91 -9.94 -7.03
N VAL A 301 9.69 -10.84 -7.99
CA VAL A 301 10.33 -10.72 -9.29
C VAL A 301 9.86 -9.46 -10.00
N ARG A 302 8.54 -9.30 -10.12
CA ARG A 302 7.98 -8.12 -10.76
C ARG A 302 8.66 -6.86 -10.23
N GLN A 303 8.70 -6.72 -8.91
CA GLN A 303 9.28 -5.54 -8.28
C GLN A 303 10.80 -5.45 -8.42
N CYS A 304 11.44 -6.40 -9.10
CA CYS A 304 12.88 -6.33 -9.37
C CYS A 304 13.15 -6.43 -10.86
N PHE B 7 -1.69 -3.22 12.22
CA PHE B 7 -1.59 -2.06 11.33
C PHE B 7 -0.88 -2.38 10.02
N ARG B 8 -1.47 -1.94 8.91
CA ARG B 8 -0.91 -2.10 7.58
C ARG B 8 -0.41 -0.76 7.03
N LYS B 9 0.66 -0.79 6.26
CA LYS B 9 0.90 0.33 5.35
C LYS B 9 -0.22 0.31 4.31
N MET B 10 -1.00 1.40 4.27
CA MET B 10 -2.16 1.50 3.42
C MET B 10 -2.02 2.74 2.54
N ALA B 11 -2.09 2.55 1.22
CA ALA B 11 -1.99 3.65 0.29
C ALA B 11 -3.36 4.26 0.03
N PHE B 12 -3.35 5.48 -0.51
CA PHE B 12 -4.58 6.05 -1.01
C PHE B 12 -4.99 5.37 -2.31
N PRO B 13 -6.28 5.25 -2.59
CA PRO B 13 -6.70 4.78 -3.91
C PRO B 13 -6.07 5.66 -4.99
N SER B 14 -5.54 5.01 -6.01
CA SER B 14 -4.67 5.69 -6.98
C SER B 14 -5.38 6.17 -8.24
N GLY B 15 -6.68 5.93 -8.38
CA GLY B 15 -7.31 6.17 -9.66
C GLY B 15 -7.25 7.62 -10.12
N LYS B 16 -7.42 8.58 -9.20
CA LYS B 16 -7.40 9.98 -9.60
C LYS B 16 -6.03 10.36 -10.15
N VAL B 17 -4.97 9.71 -9.69
CA VAL B 17 -3.62 9.98 -10.20
C VAL B 17 -3.31 9.16 -11.46
N GLU B 18 -3.81 7.93 -11.53
CA GLU B 18 -3.65 7.13 -12.74
C GLU B 18 -4.16 7.90 -13.95
N GLY B 19 -5.27 8.62 -13.78
CA GLY B 19 -5.88 9.42 -14.84
C GLY B 19 -5.08 10.63 -15.27
N CYS B 20 -3.96 10.88 -14.62
CA CYS B 20 -3.10 12.01 -14.96
C CYS B 20 -1.73 11.58 -15.46
N MET B 21 -1.42 10.30 -15.50
CA MET B 21 -0.07 9.90 -15.91
C MET B 21 0.06 9.86 -17.43
N VAL B 22 1.17 10.40 -17.91
CA VAL B 22 1.55 10.36 -19.32
C VAL B 22 3.03 10.01 -19.42
N GLN B 23 3.49 9.78 -20.64
CA GLN B 23 4.91 9.60 -20.87
C GLN B 23 5.45 10.76 -21.69
N VAL B 24 6.72 11.10 -21.43
CA VAL B 24 7.40 12.20 -22.08
C VAL B 24 8.73 11.66 -22.58
N THR B 25 9.00 11.86 -23.86
CA THR B 25 10.20 11.35 -24.52
C THR B 25 10.89 12.51 -25.22
N CYS B 26 12.21 12.57 -25.05
CA CYS B 26 13.12 13.36 -25.86
C CYS B 26 14.14 12.39 -26.42
N GLY B 27 14.25 12.32 -27.74
CA GLY B 27 15.15 11.35 -28.34
C GLY B 27 14.79 9.93 -27.98
N THR B 28 15.65 9.25 -27.21
CA THR B 28 15.36 7.92 -26.68
C THR B 28 15.16 7.92 -25.17
N THR B 29 15.18 9.09 -24.55
CA THR B 29 15.02 9.21 -23.10
C THR B 29 13.52 9.35 -22.81
N THR B 30 12.93 8.36 -22.16
CA THR B 30 11.52 8.40 -21.82
C THR B 30 11.37 8.37 -20.31
N LEU B 31 10.49 9.20 -19.79
CA LEU B 31 10.10 9.09 -18.40
C LEU B 31 8.61 9.45 -18.31
N ASN B 32 8.12 9.54 -17.09
CA ASN B 32 6.71 9.81 -16.84
C ASN B 32 6.48 11.30 -16.60
N GLY B 33 5.27 11.75 -16.92
CA GLY B 33 4.84 13.09 -16.59
C GLY B 33 3.43 13.10 -16.03
N LEU B 34 3.06 14.24 -15.48
CA LEU B 34 1.80 14.46 -14.78
C LEU B 34 1.01 15.51 -15.55
N TRP B 35 -0.14 15.11 -16.07
CA TRP B 35 -0.98 15.94 -16.94
C TRP B 35 -2.16 16.48 -16.13
N LEU B 36 -2.15 17.79 -15.85
CA LEU B 36 -3.20 18.45 -15.09
C LEU B 36 -3.64 19.67 -15.87
N ASP B 37 -4.93 19.77 -16.16
CA ASP B 37 -5.45 20.82 -17.03
C ASP B 37 -4.65 20.73 -18.34
N ASP B 38 -4.06 21.82 -18.84
CA ASP B 38 -3.33 21.79 -20.10
C ASP B 38 -1.81 21.91 -19.91
N VAL B 39 -1.29 21.40 -18.80
CA VAL B 39 0.14 21.40 -18.53
C VAL B 39 0.58 20.00 -18.15
N VAL B 40 1.74 19.59 -18.65
CA VAL B 40 2.39 18.34 -18.26
C VAL B 40 3.67 18.68 -17.51
N TYR B 41 3.83 18.10 -16.31
CA TYR B 41 4.96 18.34 -15.44
C TYR B 41 5.87 17.11 -15.46
N CYS B 42 7.19 17.28 -15.60
CA CYS B 42 8.07 16.12 -15.57
C CYS B 42 9.47 16.55 -15.16
N PRO B 43 10.33 15.60 -14.84
CA PRO B 43 11.72 15.93 -14.46
C PRO B 43 12.44 16.52 -15.66
N ARG B 44 13.24 17.55 -15.39
CA ARG B 44 13.88 18.21 -16.53
C ARG B 44 14.98 17.36 -17.16
N HIS B 45 15.49 16.33 -16.48
CA HIS B 45 16.55 15.56 -17.13
C HIS B 45 16.06 14.70 -18.28
N VAL B 46 14.78 14.77 -18.65
CA VAL B 46 14.37 14.14 -19.89
C VAL B 46 15.09 14.75 -21.09
N ILE B 47 15.56 15.99 -21.00
CA ILE B 47 16.27 16.62 -22.14
C ILE B 47 17.72 16.19 -22.21
N CYS B 48 18.16 15.30 -21.34
CA CYS B 48 19.56 14.85 -21.32
C CYS B 48 19.77 13.59 -22.14
N THR B 49 20.87 13.60 -22.88
CA THR B 49 21.42 12.35 -23.36
C THR B 49 22.06 11.63 -22.19
N SER B 50 22.06 10.30 -22.23
CA SER B 50 22.68 9.53 -21.16
C SER B 50 24.08 10.05 -20.84
N GLU B 51 24.80 10.55 -21.85
CA GLU B 51 26.12 11.10 -21.63
C GLU B 51 26.07 12.51 -21.05
N ASP B 52 24.99 13.27 -21.29
CA ASP B 52 24.87 14.60 -20.70
C ASP B 52 24.52 14.54 -19.23
N MET B 53 23.94 13.44 -18.76
CA MET B 53 23.59 13.34 -17.35
C MET B 53 24.81 13.38 -16.45
N LEU B 54 26.00 13.04 -16.97
CA LEU B 54 27.21 13.05 -16.16
C LEU B 54 27.42 14.40 -15.50
N ASN B 55 27.27 15.48 -16.26
CA ASN B 55 27.05 16.79 -15.66
C ASN B 55 26.36 17.68 -16.68
N PRO B 56 25.08 18.00 -16.49
CA PRO B 56 24.37 18.72 -17.53
C PRO B 56 24.35 20.22 -17.31
N ASN B 57 24.29 20.96 -18.40
CA ASN B 57 24.01 22.40 -18.40
C ASN B 57 22.56 22.51 -18.86
N TYR B 58 21.63 22.46 -17.90
CA TYR B 58 20.22 22.35 -18.26
C TYR B 58 19.75 23.56 -19.07
N GLU B 59 20.19 24.76 -18.69
CA GLU B 59 19.80 25.94 -19.44
C GLU B 59 20.25 25.86 -20.90
N ASP B 60 21.49 25.43 -21.14
CA ASP B 60 21.95 25.32 -22.52
C ASP B 60 21.24 24.19 -23.25
N LEU B 61 20.99 23.08 -22.56
CA LEU B 61 20.30 21.97 -23.22
C LEU B 61 18.91 22.38 -23.64
N LEU B 62 18.23 23.18 -22.81
CA LEU B 62 16.86 23.54 -23.11
C LEU B 62 16.79 24.57 -24.23
N ILE B 63 17.77 25.46 -24.32
CA ILE B 63 17.79 26.44 -25.42
C ILE B 63 17.82 25.73 -26.76
N ARG B 64 18.48 24.58 -26.82
CA ARG B 64 18.54 23.82 -28.06
C ARG B 64 17.25 23.07 -28.38
N LYS B 65 16.22 23.15 -27.53
CA LYS B 65 14.99 22.38 -27.70
C LYS B 65 13.84 23.31 -28.11
N SER B 66 12.94 22.77 -28.94
CA SER B 66 11.72 23.42 -29.35
C SER B 66 10.54 22.55 -28.95
N ASN B 67 9.35 23.11 -29.04
CA ASN B 67 8.15 22.33 -28.71
C ASN B 67 8.15 21.01 -29.49
N HIS B 68 8.60 21.05 -30.74
CA HIS B 68 8.49 19.86 -31.60
C HIS B 68 9.48 18.75 -31.27
N ASN B 69 10.37 18.98 -30.29
CA ASN B 69 11.29 17.94 -29.83
C ASN B 69 10.71 17.08 -28.70
N PHE B 70 9.51 17.40 -28.18
CA PHE B 70 8.95 16.69 -27.02
C PHE B 70 7.80 15.81 -27.50
N LEU B 71 7.91 14.52 -27.23
CA LEU B 71 6.86 13.56 -27.51
C LEU B 71 6.14 13.24 -26.21
N VAL B 72 4.91 13.73 -26.08
CA VAL B 72 4.07 13.47 -24.92
C VAL B 72 2.95 12.54 -25.38
N GLN B 73 2.76 11.44 -24.65
CA GLN B 73 1.76 10.45 -25.02
C GLN B 73 0.97 10.02 -23.81
N ALA B 74 -0.36 9.95 -23.98
CA ALA B 74 -1.25 9.29 -23.04
C ALA B 74 -1.60 7.96 -23.68
N GLY B 75 -1.08 6.88 -23.12
CA GLY B 75 -1.09 5.65 -23.88
C GLY B 75 -0.26 5.85 -25.12
N ASN B 76 -0.78 5.43 -26.26
CA ASN B 76 -0.10 5.63 -27.54
C ASN B 76 -0.60 6.86 -28.27
N VAL B 77 -1.42 7.68 -27.62
CA VAL B 77 -2.03 8.84 -28.26
C VAL B 77 -1.18 10.07 -27.97
N GLN B 78 -0.67 10.70 -29.02
CA GLN B 78 0.21 11.84 -28.82
C GLN B 78 -0.58 13.08 -28.42
N LEU B 79 -0.02 13.84 -27.48
CA LEU B 79 -0.50 15.13 -27.00
C LEU B 79 0.40 16.24 -27.54
N ARG B 80 -0.15 17.16 -28.32
CA ARG B 80 0.69 18.18 -28.94
C ARG B 80 1.16 19.19 -27.90
N VAL B 81 2.47 19.45 -27.91
CA VAL B 81 3.10 20.44 -27.05
C VAL B 81 3.08 21.81 -27.71
N ILE B 82 2.62 22.83 -26.99
CA ILE B 82 2.53 24.19 -27.53
C ILE B 82 3.32 25.21 -26.73
N GLY B 83 4.06 24.80 -25.71
CA GLY B 83 4.95 25.70 -25.01
C GLY B 83 5.76 24.91 -24.02
N HIS B 84 6.91 25.46 -23.62
CA HIS B 84 7.75 24.77 -22.66
C HIS B 84 8.46 25.79 -21.81
N SER B 85 8.69 25.40 -20.55
CA SER B 85 9.49 26.21 -19.66
C SER B 85 10.04 25.31 -18.56
N MET B 86 11.06 25.82 -17.88
CA MET B 86 11.72 25.09 -16.81
C MET B 86 11.50 25.86 -15.52
N GLN B 87 11.05 25.16 -14.48
CA GLN B 87 10.88 25.72 -13.14
C GLN B 87 11.71 24.84 -12.23
N ASN B 88 12.86 25.37 -11.80
CA ASN B 88 13.78 24.60 -10.98
C ASN B 88 14.12 23.28 -11.66
N CYS B 89 13.86 22.12 -11.04
CA CYS B 89 14.23 20.86 -11.67
C CYS B 89 13.07 20.18 -12.41
N VAL B 90 11.98 20.88 -12.67
CA VAL B 90 10.87 20.31 -13.45
C VAL B 90 10.68 21.10 -14.74
N LEU B 91 10.27 20.36 -15.75
CA LEU B 91 9.84 20.91 -17.02
C LEU B 91 8.32 21.00 -17.02
N LYS B 92 7.81 22.12 -17.54
CA LYS B 92 6.38 22.33 -17.72
C LYS B 92 6.12 22.43 -19.21
N LEU B 93 5.31 21.53 -19.73
CA LEU B 93 5.00 21.46 -21.14
C LEU B 93 3.53 21.82 -21.29
N LYS B 94 3.25 22.97 -21.92
CA LYS B 94 1.88 23.31 -22.23
C LYS B 94 1.45 22.47 -23.43
N VAL B 95 0.25 21.90 -23.33
CA VAL B 95 -0.30 21.03 -24.35
C VAL B 95 -1.63 21.60 -24.80
N ASP B 96 -2.11 21.12 -25.94
CA ASP B 96 -3.27 21.73 -26.56
C ASP B 96 -4.57 21.13 -26.12
N THR B 97 -4.55 20.20 -25.15
CA THR B 97 -5.75 19.54 -24.65
C THR B 97 -5.76 19.56 -23.13
N ALA B 98 -6.88 19.96 -22.55
CA ALA B 98 -7.03 19.92 -21.10
C ALA B 98 -7.41 18.51 -20.67
N ASN B 99 -6.70 17.96 -19.70
CA ASN B 99 -6.98 16.59 -19.31
C ASN B 99 -8.37 16.48 -18.72
N PRO B 100 -9.30 15.74 -19.36
CA PRO B 100 -10.66 15.65 -18.83
C PRO B 100 -10.73 14.91 -17.50
N LYS B 101 -9.72 14.15 -17.13
CA LYS B 101 -9.67 13.45 -15.85
C LYS B 101 -8.95 14.25 -14.78
N THR B 102 -8.67 15.53 -15.00
CA THR B 102 -8.00 16.33 -13.99
C THR B 102 -8.84 16.33 -12.71
N PRO B 103 -8.30 15.89 -11.58
CA PRO B 103 -9.03 15.99 -10.31
C PRO B 103 -8.90 17.39 -9.74
N LYS B 104 -9.68 17.68 -8.69
CA LYS B 104 -9.29 18.80 -7.85
C LYS B 104 -7.92 18.48 -7.26
N TYR B 105 -7.01 19.46 -7.28
CA TYR B 105 -5.64 19.18 -6.83
C TYR B 105 -4.97 20.43 -6.27
N LYS B 106 -3.87 20.18 -5.57
CA LYS B 106 -2.97 21.23 -5.16
C LYS B 106 -1.58 20.63 -5.11
N PHE B 107 -0.58 21.51 -5.15
CA PHE B 107 0.84 21.18 -5.00
C PHE B 107 1.25 21.57 -3.59
N VAL B 108 1.80 20.63 -2.83
CA VAL B 108 2.24 20.92 -1.47
C VAL B 108 3.65 20.40 -1.27
N ARG B 109 4.36 21.04 -0.36
CA ARG B 109 5.71 20.62 0.01
C ARG B 109 5.60 20.02 1.40
N ILE B 110 5.99 18.75 1.56
CA ILE B 110 5.76 18.07 2.83
C ILE B 110 7.00 18.21 3.69
N GLN B 111 6.82 17.95 5.00
CA GLN B 111 7.94 17.92 5.93
C GLN B 111 8.46 16.49 6.11
N PRO B 112 9.71 16.31 6.49
CA PRO B 112 10.17 14.98 6.87
C PRO B 112 9.27 14.40 7.96
N GLY B 113 9.08 13.09 7.89
CA GLY B 113 8.16 12.37 8.72
C GLY B 113 6.79 12.18 8.11
N GLN B 114 6.38 13.05 7.20
CA GLN B 114 5.08 12.87 6.57
C GLN B 114 5.10 11.70 5.60
N THR B 115 3.96 11.06 5.46
CA THR B 115 3.83 9.93 4.57
C THR B 115 3.01 10.35 3.35
N PHE B 116 3.14 9.55 2.31
CA PHE B 116 2.42 9.80 1.08
C PHE B 116 2.41 8.51 0.27
N SER B 117 1.45 8.41 -0.64
CA SER B 117 1.39 7.27 -1.55
C SER B 117 2.18 7.59 -2.81
N VAL B 118 2.90 6.59 -3.31
CA VAL B 118 3.61 6.68 -4.58
C VAL B 118 2.95 5.77 -5.60
N LEU B 119 2.62 6.33 -6.77
CA LEU B 119 2.17 5.52 -7.89
C LEU B 119 3.37 5.29 -8.81
N ALA B 120 3.96 4.11 -8.71
CA ALA B 120 5.15 3.80 -9.50
C ALA B 120 4.71 3.50 -10.93
N CYS B 121 5.28 4.24 -11.89
CA CYS B 121 4.89 4.15 -13.28
C CYS B 121 6.11 3.92 -14.18
N TYR B 122 5.85 3.27 -15.30
CA TYR B 122 6.86 3.04 -16.33
C TYR B 122 6.21 3.28 -17.68
N ASN B 123 6.82 4.14 -18.50
CA ASN B 123 6.28 4.45 -19.82
C ASN B 123 4.87 5.00 -19.72
N GLY B 124 4.59 5.75 -18.66
CA GLY B 124 3.30 6.35 -18.45
C GLY B 124 2.22 5.39 -18.00
N SER B 125 2.57 4.14 -17.71
CA SER B 125 1.64 3.11 -17.27
C SER B 125 1.86 2.79 -15.80
N PRO B 126 0.83 2.89 -14.97
CA PRO B 126 1.00 2.57 -13.54
C PRO B 126 1.27 1.10 -13.31
N SER B 127 2.23 0.83 -12.44
CA SER B 127 2.64 -0.50 -12.05
C SER B 127 2.20 -0.90 -10.65
N GLY B 128 2.27 0.01 -9.69
CA GLY B 128 1.94 -0.32 -8.32
C GLY B 128 1.81 0.92 -7.49
N VAL B 129 1.15 0.78 -6.36
CA VAL B 129 1.01 1.90 -5.43
C VAL B 129 1.45 1.46 -4.05
N TYR B 130 2.20 2.32 -3.37
CA TYR B 130 2.64 1.97 -2.02
C TYR B 130 2.88 3.22 -1.19
N GLN B 131 2.91 3.03 0.12
CA GLN B 131 3.01 4.12 1.06
C GLN B 131 4.48 4.34 1.41
N CYS B 132 4.90 5.60 1.41
CA CYS B 132 6.26 6.01 1.69
C CYS B 132 6.26 7.00 2.84
N ALA B 133 7.37 7.07 3.57
CA ALA B 133 7.61 8.15 4.51
C ALA B 133 8.83 8.93 4.08
N MET B 134 8.74 10.26 4.13
CA MET B 134 9.92 11.10 3.91
C MET B 134 10.79 11.02 5.16
N ARG B 135 12.02 10.51 4.99
CA ARG B 135 12.94 10.37 6.11
C ARG B 135 13.46 11.74 6.54
N PRO B 136 13.99 11.83 7.76
CA PRO B 136 14.53 13.12 8.21
C PRO B 136 15.69 13.60 7.37
N ASN B 137 16.37 12.70 6.68
CA ASN B 137 17.44 13.06 5.77
C ASN B 137 16.95 13.29 4.34
N PHE B 138 15.62 13.37 4.14
CA PHE B 138 15.01 13.74 2.87
C PHE B 138 15.25 12.71 1.77
N THR B 139 15.31 11.45 2.13
CA THR B 139 15.24 10.35 1.20
C THR B 139 13.98 9.56 1.49
N ILE B 140 13.56 8.75 0.52
CA ILE B 140 12.49 7.79 0.74
C ILE B 140 12.99 6.41 0.35
N LYS B 141 12.45 5.40 1.01
CA LYS B 141 12.79 4.01 0.75
C LYS B 141 11.72 3.47 -0.17
N GLY B 142 11.88 3.75 -1.46
CA GLY B 142 10.92 3.38 -2.47
C GLY B 142 11.30 2.10 -3.18
N SER B 143 10.47 1.76 -4.15
CA SER B 143 10.76 0.70 -5.12
C SER B 143 10.66 1.36 -6.48
N PHE B 144 11.82 1.69 -7.04
CA PHE B 144 11.92 2.41 -8.30
C PHE B 144 12.95 1.72 -9.18
N LEU B 145 12.57 1.43 -10.42
CA LEU B 145 13.48 0.88 -11.40
C LEU B 145 13.78 1.95 -12.45
N ASN B 146 14.68 1.63 -13.39
CA ASN B 146 14.90 2.54 -14.51
C ASN B 146 13.56 2.83 -15.16
N GLY B 147 13.35 4.09 -15.55
CA GLY B 147 12.14 4.49 -16.19
C GLY B 147 11.07 5.03 -15.26
N SER B 148 11.30 4.99 -13.96
CA SER B 148 10.31 5.41 -12.96
C SER B 148 10.31 6.91 -12.71
N CYS B 149 11.31 7.65 -13.16
CA CYS B 149 11.30 9.09 -12.92
C CYS B 149 10.03 9.75 -13.44
N GLY B 150 9.56 10.76 -12.70
CA GLY B 150 8.30 11.39 -13.00
C GLY B 150 7.12 10.75 -12.32
N SER B 151 7.27 9.54 -11.77
CA SER B 151 6.28 9.02 -10.83
C SER B 151 6.10 10.00 -9.67
N VAL B 152 4.87 10.07 -9.14
CA VAL B 152 4.56 11.10 -8.15
C VAL B 152 4.06 10.48 -6.86
N GLY B 153 4.24 11.25 -5.79
CA GLY B 153 3.69 10.94 -4.49
C GLY B 153 2.62 11.94 -4.13
N PHE B 154 1.62 11.48 -3.38
CA PHE B 154 0.41 12.27 -3.18
C PHE B 154 -0.31 11.80 -1.92
N ASN B 155 -1.11 12.71 -1.36
CA ASN B 155 -2.15 12.42 -0.39
C ASN B 155 -3.51 12.85 -0.96
N ILE B 156 -4.60 12.23 -0.49
CA ILE B 156 -5.95 12.60 -0.92
C ILE B 156 -6.76 12.98 0.32
N ASP B 157 -7.34 14.17 0.28
CA ASP B 157 -8.20 14.69 1.35
C ASP B 157 -9.55 15.08 0.75
N TYR B 158 -10.62 14.48 1.25
CA TYR B 158 -11.95 14.67 0.68
C TYR B 158 -11.82 14.25 -0.78
N ASP B 159 -12.02 15.15 -1.75
CA ASP B 159 -11.87 14.76 -3.16
C ASP B 159 -10.61 15.36 -3.78
N CYS B 160 -9.73 15.95 -2.97
CA CYS B 160 -8.63 16.76 -3.47
C CYS B 160 -7.30 16.02 -3.35
N VAL B 161 -6.59 15.94 -4.47
CA VAL B 161 -5.27 15.31 -4.50
C VAL B 161 -4.20 16.36 -4.24
N SER B 162 -3.41 16.16 -3.18
CA SER B 162 -2.26 17.00 -2.87
C SER B 162 -1.01 16.29 -3.36
N PHE B 163 -0.44 16.78 -4.46
CA PHE B 163 0.79 16.21 -4.99
C PHE B 163 1.98 16.80 -4.24
N CYS B 164 2.83 15.92 -3.71
CA CYS B 164 3.95 16.36 -2.90
C CYS B 164 5.31 15.90 -3.36
N TYR B 165 5.40 14.94 -4.28
CA TYR B 165 6.70 14.36 -4.64
C TYR B 165 6.71 14.00 -6.12
N MET B 166 7.84 14.25 -6.77
CA MET B 166 8.11 13.74 -8.11
C MET B 166 9.48 13.08 -8.10
N HIS B 167 9.60 11.90 -8.70
CA HIS B 167 10.80 11.09 -8.50
C HIS B 167 11.88 11.44 -9.51
N HIS B 168 13.13 11.62 -9.02
CA HIS B 168 14.26 11.95 -9.91
C HIS B 168 15.46 11.02 -9.83
N MET B 169 15.79 10.42 -8.68
CA MET B 169 17.04 9.67 -8.67
C MET B 169 17.17 8.70 -7.51
N GLU B 170 18.16 7.82 -7.66
CA GLU B 170 18.56 6.86 -6.63
C GLU B 170 19.95 7.24 -6.11
N LEU B 171 20.15 7.05 -4.84
CA LEU B 171 21.42 7.30 -4.19
C LEU B 171 22.20 6.01 -4.07
N PRO B 172 23.53 6.10 -3.89
CA PRO B 172 24.35 4.88 -3.83
C PRO B 172 23.86 3.88 -2.79
N THR B 173 23.28 4.33 -1.69
CA THR B 173 22.79 3.44 -0.64
C THR B 173 21.46 2.76 -0.97
N GLY B 174 20.86 3.04 -2.13
CA GLY B 174 19.61 2.41 -2.53
C GLY B 174 18.36 3.19 -2.20
N VAL B 175 18.48 4.31 -1.50
CA VAL B 175 17.31 5.13 -1.20
C VAL B 175 17.13 6.14 -2.33
N HIS B 176 16.03 6.89 -2.29
CA HIS B 176 15.56 7.63 -3.43
C HIS B 176 15.38 9.10 -3.07
N ALA B 177 15.46 9.94 -4.10
CA ALA B 177 15.39 11.38 -3.91
C ALA B 177 14.63 12.02 -5.06
N GLY B 178 14.04 13.16 -4.76
CA GLY B 178 13.16 13.80 -5.71
C GLY B 178 12.77 15.18 -5.24
N THR B 179 11.80 15.76 -5.95
CA THR B 179 11.39 17.15 -5.78
C THR B 179 9.93 17.24 -5.42
N ASP B 180 9.50 18.44 -5.04
CA ASP B 180 8.08 18.76 -5.01
C ASP B 180 7.65 19.11 -6.44
N LEU B 181 6.39 19.47 -6.63
CA LEU B 181 5.92 19.68 -7.99
C LEU B 181 6.26 21.07 -8.51
N GLU B 182 6.89 21.90 -7.69
CA GLU B 182 7.55 23.11 -8.15
C GLU B 182 9.01 22.88 -8.52
N GLY B 183 9.50 21.63 -8.46
CA GLY B 183 10.83 21.30 -8.92
C GLY B 183 11.94 21.53 -7.91
N ASN B 184 11.60 21.79 -6.65
CA ASN B 184 12.61 21.99 -5.61
C ASN B 184 12.89 20.67 -4.92
N PHE B 185 14.15 20.25 -4.96
CA PHE B 185 14.50 18.99 -4.33
C PHE B 185 14.19 19.02 -2.84
N TYR B 186 13.77 17.88 -2.32
CA TYR B 186 13.86 17.61 -0.90
C TYR B 186 15.30 17.21 -0.58
N GLY B 187 15.91 17.90 0.37
CA GLY B 187 17.27 17.60 0.76
C GLY B 187 18.33 18.21 -0.12
N PRO B 188 19.61 17.87 0.14
CA PRO B 188 20.70 18.61 -0.51
C PRO B 188 21.11 18.06 -1.86
N PHE B 189 20.20 17.41 -2.56
CA PHE B 189 20.57 16.68 -3.77
C PHE B 189 20.38 17.56 -5.00
N VAL B 190 21.03 17.16 -6.09
CA VAL B 190 20.90 17.81 -7.39
C VAL B 190 20.70 16.74 -8.44
N ASP B 191 20.04 17.11 -9.55
CA ASP B 191 19.80 16.14 -10.62
C ASP B 191 20.99 16.08 -11.60
N ARG B 192 22.08 15.48 -11.10
CA ARG B 192 23.25 15.16 -11.88
C ARG B 192 23.67 13.73 -11.56
N GLN B 193 24.17 13.03 -12.56
CA GLN B 193 24.58 11.64 -12.41
C GLN B 193 25.95 11.57 -11.73
N THR B 194 25.99 12.07 -10.50
CA THR B 194 27.19 12.09 -9.68
C THR B 194 26.89 11.41 -8.33
N ALA B 195 27.94 10.89 -7.70
CA ALA B 195 27.77 10.24 -6.41
C ALA B 195 27.37 11.28 -5.38
N GLN B 196 26.27 11.01 -4.68
CA GLN B 196 25.75 11.89 -3.66
C GLN B 196 25.36 11.05 -2.45
N ALA B 197 25.47 11.64 -1.27
CA ALA B 197 25.22 10.93 -0.04
C ALA B 197 24.20 11.69 0.79
N ALA B 198 23.31 10.95 1.45
CA ALA B 198 22.35 11.56 2.36
C ALA B 198 22.96 11.71 3.75
N GLY B 199 22.46 12.71 4.49
CA GLY B 199 22.79 12.83 5.90
C GLY B 199 22.51 11.53 6.64
N THR B 200 23.15 11.31 7.79
CA THR B 200 22.79 10.12 8.54
C THR B 200 21.33 10.23 8.95
N ASP B 201 20.63 9.12 8.85
CA ASP B 201 19.20 9.22 9.12
C ASP B 201 18.95 9.14 10.63
N THR B 202 17.72 9.51 11.01
CA THR B 202 17.28 9.50 12.39
C THR B 202 15.86 8.99 12.42
N THR B 203 15.40 8.68 13.63
CA THR B 203 14.08 8.12 13.86
C THR B 203 13.06 9.24 13.98
N ILE B 204 11.90 9.03 13.35
CA ILE B 204 10.86 10.07 13.28
C ILE B 204 10.05 10.00 14.57
N THR B 205 10.42 10.86 15.53
CA THR B 205 9.87 10.81 16.87
C THR B 205 8.36 10.98 16.88
N VAL B 206 7.87 11.97 16.15
CA VAL B 206 6.42 12.23 16.18
C VAL B 206 5.65 10.99 15.75
N ASN B 207 6.19 10.22 14.81
CA ASN B 207 5.50 9.02 14.37
C ASN B 207 5.60 7.89 15.39
N VAL B 208 6.74 7.77 16.06
CA VAL B 208 6.81 6.81 17.16
C VAL B 208 5.76 7.13 18.20
N LEU B 209 5.64 8.40 18.57
CA LEU B 209 4.60 8.78 19.53
C LEU B 209 3.22 8.40 19.00
N ALA B 210 2.98 8.61 17.72
CA ALA B 210 1.68 8.24 17.14
C ALA B 210 1.44 6.75 17.34
N TRP B 211 2.46 5.94 17.09
CA TRP B 211 2.40 4.50 17.27
C TRP B 211 2.12 4.12 18.72
N LEU B 212 2.76 4.80 19.68
CA LEU B 212 2.44 4.54 21.09
C LEU B 212 0.99 4.88 21.39
N TYR B 213 0.48 5.97 20.83
CA TYR B 213 -0.94 6.28 21.03
C TYR B 213 -1.82 5.18 20.45
N ALA B 214 -1.47 4.68 19.27
CA ALA B 214 -2.21 3.59 18.64
C ALA B 214 -2.23 2.36 19.54
N ALA B 215 -1.09 2.05 20.15
CA ALA B 215 -1.01 0.95 21.11
C ALA B 215 -1.99 1.16 22.27
N VAL B 216 -2.04 2.39 22.80
CA VAL B 216 -2.94 2.68 23.92
C VAL B 216 -4.38 2.50 23.48
N ILE B 217 -4.72 3.00 22.29
CA ILE B 217 -6.10 2.90 21.80
C ILE B 217 -6.54 1.44 21.76
N ASN B 218 -5.61 0.54 21.46
CA ASN B 218 -5.89 -0.88 21.35
C ASN B 218 -5.67 -1.63 22.65
N GLY B 219 -5.48 -0.91 23.75
CA GLY B 219 -5.40 -1.52 25.06
C GLY B 219 -4.04 -2.01 25.49
N ASP B 220 -2.98 -1.66 24.76
CA ASP B 220 -1.63 -2.10 25.05
C ASP B 220 -0.91 -0.90 25.65
N ARG B 221 -0.84 -0.84 26.99
CA ARG B 221 -0.42 0.41 27.63
C ARG B 221 0.50 0.20 28.84
N TRP B 222 1.25 -0.91 28.87
CA TRP B 222 2.16 -1.14 29.99
C TRP B 222 3.22 -0.05 30.15
N PHE B 223 3.55 0.66 29.08
CA PHE B 223 4.67 1.60 29.05
C PHE B 223 4.29 3.00 29.55
N LEU B 224 3.02 3.24 29.85
CA LEU B 224 2.62 4.51 30.42
C LEU B 224 3.18 4.62 31.84
N ASN B 225 3.77 5.78 32.18
CA ASN B 225 4.35 6.01 33.49
C ASN B 225 3.67 7.19 34.15
N ARG B 226 4.06 7.46 35.41
CA ARG B 226 3.44 8.51 36.21
C ARG B 226 4.13 9.86 36.05
N PHE B 227 5.06 9.97 35.10
CA PHE B 227 5.95 11.12 35.00
C PHE B 227 5.61 11.95 33.78
N THR B 228 6.25 13.12 33.70
CA THR B 228 6.16 13.98 32.52
C THR B 228 7.54 14.58 32.31
N THR B 229 7.62 15.44 31.29
CA THR B 229 8.88 16.05 30.94
C THR B 229 8.56 17.39 30.28
N THR B 230 9.57 18.25 30.19
CA THR B 230 9.43 19.39 29.31
C THR B 230 9.81 18.99 27.88
N LEU B 231 9.34 19.78 26.92
CA LEU B 231 9.66 19.51 25.52
C LEU B 231 11.16 19.68 25.27
N ASN B 232 11.77 20.66 25.90
CA ASN B 232 13.20 20.87 25.68
C ASN B 232 14.03 19.75 26.28
N ASP B 233 13.74 19.36 27.53
CA ASP B 233 14.44 18.21 28.11
C ASP B 233 14.27 16.98 27.23
N PHE B 234 13.06 16.73 26.75
CA PHE B 234 12.87 15.55 25.90
C PHE B 234 13.70 15.65 24.63
N ASN B 235 13.71 16.81 23.98
CA ASN B 235 14.44 16.94 22.72
C ASN B 235 15.92 16.68 22.92
N LEU B 236 16.48 17.14 24.04
CA LEU B 236 17.92 16.98 24.27
C LEU B 236 18.28 15.51 24.51
N VAL B 237 17.42 14.78 25.23
CA VAL B 237 17.65 13.35 25.42
C VAL B 237 17.45 12.60 24.10
N ALA B 238 16.39 12.92 23.38
CA ALA B 238 16.06 12.15 22.18
C ALA B 238 17.20 12.17 21.18
N MET B 239 17.82 13.33 21.00
CA MET B 239 18.93 13.44 20.07
C MET B 239 20.07 12.49 20.44
N LYS B 240 20.26 12.19 21.72
CA LYS B 240 21.31 11.25 22.12
C LYS B 240 21.02 9.83 21.65
N TYR B 241 19.78 9.53 21.30
CA TYR B 241 19.36 8.22 20.81
C TYR B 241 19.11 8.23 19.31
N ASN B 242 19.53 9.29 18.62
CA ASN B 242 19.33 9.45 17.17
C ASN B 242 17.86 9.54 16.82
N TYR B 243 17.09 10.14 17.71
CA TYR B 243 15.71 10.50 17.44
C TYR B 243 15.61 11.98 17.08
N GLU B 244 14.70 12.31 16.18
CA GLU B 244 14.46 13.69 15.81
C GLU B 244 13.92 14.49 17.00
N PRO B 245 14.30 15.75 17.15
CA PRO B 245 13.59 16.61 18.09
C PRO B 245 12.20 16.92 17.59
N LEU B 246 11.31 17.17 18.54
CA LEU B 246 9.95 17.58 18.21
C LEU B 246 9.87 19.08 17.98
N THR B 247 9.03 19.46 17.02
CA THR B 247 8.66 20.83 16.76
C THR B 247 7.29 21.12 17.39
N GLN B 248 6.93 22.42 17.45
CA GLN B 248 5.60 22.78 17.92
C GLN B 248 4.53 22.17 17.03
N ASP B 249 4.79 22.07 15.72
CA ASP B 249 3.82 21.48 14.80
C ASP B 249 3.59 20.01 15.11
N HIS B 250 4.66 19.29 15.47
CA HIS B 250 4.54 17.90 15.92
C HIS B 250 3.64 17.78 17.14
N VAL B 251 3.85 18.65 18.13
CA VAL B 251 3.01 18.60 19.31
C VAL B 251 1.56 18.81 18.93
N ASP B 252 1.32 19.73 17.99
CA ASP B 252 -0.06 20.03 17.61
C ASP B 252 -0.71 18.89 16.83
N ILE B 253 0.03 18.23 15.94
CA ILE B 253 -0.61 17.16 15.17
C ILE B 253 -0.85 15.92 15.99
N LEU B 254 -0.23 15.82 17.17
CA LEU B 254 -0.56 14.77 18.12
C LEU B 254 -1.79 15.10 18.96
N GLY B 255 -2.34 16.31 18.81
CA GLY B 255 -3.50 16.77 19.54
C GLY B 255 -4.66 15.78 19.53
N PRO B 256 -5.11 15.38 18.35
CA PRO B 256 -6.28 14.49 18.28
C PRO B 256 -6.08 13.18 19.03
N LEU B 257 -4.91 12.54 18.89
CA LEU B 257 -4.67 11.28 19.58
C LEU B 257 -4.53 11.49 21.07
N SER B 258 -3.94 12.62 21.47
CA SER B 258 -3.88 12.96 22.88
C SER B 258 -5.28 13.15 23.45
N ALA B 259 -6.17 13.81 22.70
CA ALA B 259 -7.56 13.99 23.15
C ALA B 259 -8.30 12.66 23.21
N GLN B 260 -8.06 11.79 22.23
CA GLN B 260 -8.76 10.50 22.17
C GLN B 260 -8.40 9.60 23.34
N THR B 261 -7.17 9.66 23.81
CA THR B 261 -6.66 8.79 24.87
C THR B 261 -6.60 9.47 26.23
N GLY B 262 -6.70 10.80 26.28
CA GLY B 262 -6.51 11.52 27.53
C GLY B 262 -5.08 11.53 28.05
N ILE B 263 -4.13 11.17 27.22
CA ILE B 263 -2.72 11.15 27.60
C ILE B 263 -2.06 12.37 26.97
N ALA B 264 -1.60 13.29 27.83
CA ALA B 264 -0.94 14.50 27.36
C ALA B 264 0.28 14.14 26.53
N VAL B 265 0.57 14.98 25.53
CA VAL B 265 1.70 14.71 24.65
C VAL B 265 2.99 14.57 25.47
N LEU B 266 3.21 15.49 26.42
CA LEU B 266 4.46 15.47 27.19
C LEU B 266 4.53 14.27 28.14
N ASP B 267 3.38 13.77 28.61
CA ASP B 267 3.41 12.52 29.36
C ASP B 267 3.83 11.36 28.46
N MET B 268 3.32 11.32 27.21
CA MET B 268 3.75 10.26 26.32
C MET B 268 5.24 10.39 26.01
N CYS B 269 5.73 11.62 25.88
CA CYS B 269 7.16 11.84 25.68
C CYS B 269 7.96 11.27 26.84
N ALA B 270 7.46 11.45 28.07
CA ALA B 270 8.14 10.89 29.24
C ALA B 270 8.15 9.37 29.17
N SER B 271 7.05 8.75 28.73
CA SER B 271 7.01 7.31 28.52
C SER B 271 8.01 6.86 27.46
N LEU B 272 8.10 7.59 26.36
CA LEU B 272 9.06 7.23 25.32
C LEU B 272 10.49 7.37 25.83
N LYS B 273 10.76 8.44 26.55
CA LYS B 273 12.08 8.64 27.13
C LYS B 273 12.49 7.44 27.99
N GLU B 274 11.55 6.93 28.80
CA GLU B 274 11.88 5.77 29.62
C GLU B 274 12.16 4.55 28.75
N LEU B 275 11.43 4.40 27.65
CA LEU B 275 11.69 3.28 26.75
C LEU B 275 13.08 3.38 26.13
N LEU B 276 13.48 4.58 25.74
CA LEU B 276 14.81 4.79 25.16
C LEU B 276 15.91 4.49 26.18
N GLN B 277 15.73 4.97 27.41
CA GLN B 277 16.77 4.83 28.43
C GLN B 277 16.84 3.43 29.03
N ASN B 278 15.71 2.72 29.13
CA ASN B 278 15.69 1.42 29.80
C ASN B 278 15.47 0.27 28.84
N GLY B 279 15.18 0.54 27.57
CA GLY B 279 14.84 -0.51 26.64
C GLY B 279 13.49 -1.12 26.98
N MET B 280 13.11 -2.09 26.16
CA MET B 280 11.83 -2.76 26.32
C MET B 280 11.83 -3.81 27.42
N ASN B 281 12.99 -4.22 27.92
CA ASN B 281 13.08 -5.26 28.95
C ASN B 281 12.35 -6.52 28.51
N GLY B 282 12.53 -6.88 27.24
CA GLY B 282 11.95 -8.10 26.70
C GLY B 282 10.47 -8.04 26.38
N ARG B 283 9.86 -6.87 26.48
CA ARG B 283 8.43 -6.76 26.25
C ARG B 283 8.17 -6.33 24.81
N THR B 284 6.90 -6.35 24.42
CA THR B 284 6.50 -5.92 23.09
C THR B 284 5.39 -4.89 23.19
N ILE B 285 5.23 -4.14 22.10
CA ILE B 285 4.16 -3.16 21.93
C ILE B 285 3.52 -3.41 20.58
N LEU B 286 2.20 -3.63 20.58
CA LEU B 286 1.49 -3.98 19.36
C LEU B 286 2.15 -5.17 18.66
N GLY B 287 2.60 -6.13 19.45
CA GLY B 287 3.15 -7.35 18.89
C GLY B 287 4.47 -7.13 18.20
N SER B 288 5.32 -6.29 18.77
CA SER B 288 6.58 -5.95 18.11
C SER B 288 7.56 -5.46 19.15
N ALA B 289 8.80 -5.94 19.05
CA ALA B 289 9.88 -5.45 19.89
C ALA B 289 10.49 -4.17 19.35
N LEU B 290 10.12 -3.77 18.14
CA LEU B 290 10.66 -2.56 17.52
C LEU B 290 9.60 -1.48 17.53
N LEU B 291 10.03 -0.24 17.74
CA LEU B 291 9.14 0.92 17.65
C LEU B 291 9.04 1.38 16.20
N GLU B 292 7.82 1.50 15.69
CA GLU B 292 7.56 1.85 14.30
C GLU B 292 7.56 3.37 14.14
N ASP B 293 8.19 3.88 13.06
CA ASP B 293 8.23 5.33 12.87
C ASP B 293 7.73 5.78 11.50
N GLU B 294 6.98 4.96 10.75
CA GLU B 294 6.47 5.38 9.45
C GLU B 294 4.94 5.46 9.42
N PHE B 295 4.29 5.52 10.57
CA PHE B 295 2.86 5.82 10.65
C PHE B 295 2.70 7.18 11.33
N THR B 296 2.13 8.14 10.60
CA THR B 296 1.88 9.46 11.14
C THR B 296 0.66 9.46 12.04
N PRO B 297 0.45 10.55 12.78
CA PRO B 297 -0.79 10.68 13.55
C PRO B 297 -2.02 10.55 12.66
N PHE B 298 -1.97 11.08 11.44
CA PHE B 298 -3.11 10.95 10.52
C PHE B 298 -3.32 9.51 10.11
N ASP B 299 -2.23 8.80 9.78
CA ASP B 299 -2.31 7.40 9.38
C ASP B 299 -2.95 6.55 10.49
N VAL B 300 -2.57 6.80 11.74
CA VAL B 300 -3.16 6.06 12.86
C VAL B 300 -4.66 6.28 12.92
N VAL B 301 -5.07 7.53 12.79
CA VAL B 301 -6.49 7.86 12.83
C VAL B 301 -7.22 7.20 11.66
N ARG B 302 -6.65 7.28 10.45
CA ARG B 302 -7.25 6.62 9.30
C ARG B 302 -7.59 5.16 9.59
N GLN B 303 -6.65 4.43 10.20
CA GLN B 303 -6.85 2.99 10.35
C GLN B 303 -7.64 2.61 11.60
N CYS B 304 -7.41 3.29 12.73
CA CYS B 304 -8.23 3.02 13.90
C CYS B 304 -9.69 3.38 13.65
N SER B 305 -9.93 4.30 12.72
CA SER B 305 -11.25 4.55 12.17
C SER B 305 -11.14 4.88 10.66
C21 Y51 C . -16.16 -9.70 16.87
C14 Y51 C . -19.45 -5.63 7.09
C13 Y51 C . -17.16 -5.17 10.85
C12 Y51 C . -15.94 -5.03 11.75
C16 Y51 C . -16.88 -9.40 14.58
C15 Y51 C . -18.06 -8.64 14.02
C1 Y51 C . -18.85 -9.46 11.93
C10 Y51 C . -16.74 -6.22 9.81
C11 Y51 C . -15.23 -6.17 9.85
C17 Y51 C . -17.26 -10.76 15.25
C18 Y51 C . -15.99 -11.00 16.08
C19 Y51 C . -18.24 -10.46 16.34
C2 Y51 C . -20.34 -9.23 10.04
C20 Y51 C . -17.59 -9.85 17.31
C22 Y51 C . -16.16 -8.65 15.72
C3 Y51 C . -21.79 -9.56 9.66
C4 Y51 C . -22.17 -11.03 9.78
C5 Y51 C . -23.64 -11.24 9.41
C6 Y51 C . -21.28 -11.90 8.91
C7 Y51 C . -20.05 -7.75 9.82
C8 Y51 C . -18.89 -6.08 8.42
C9 Y51 C . -17.36 -5.99 8.44
N1 Y51 C . -20.07 -9.64 11.41
N2 Y51 C . -19.33 -7.43 8.74
N3 Y51 C . -14.85 -5.39 10.86
O1 Y51 C . -17.87 -9.15 11.28
O2 Y51 C . -14.46 -6.80 9.10
O3 Y51 C . -20.87 -5.56 7.10
O4 Y51 C . -20.45 -6.91 10.62
O5 Y51 C . -18.90 -9.55 13.27
C1 Y71 D . -18.83 -9.52 11.96
C10 Y71 D . -16.72 -6.17 9.79
C11 Y71 D . -15.22 -6.02 9.77
C12 Y71 D . -15.93 -5.04 11.76
C13 Y71 D . -17.15 -5.17 10.86
C14 Y71 D . -19.54 -5.71 7.14
C15 Y71 D . -18.03 -8.65 14.02
C16 Y71 D . -16.86 -9.41 14.59
C17 Y71 D . -17.23 -10.76 15.26
C18 Y71 D . -15.98 -11.00 16.10
C19 Y71 D . -18.22 -10.45 16.35
C2 Y71 D . -20.33 -9.29 10.07
C20 Y71 D . -17.56 -9.83 17.31
C21 Y71 D . -16.14 -9.69 16.88
C22 Y71 D . -16.14 -8.66 15.72
C3 Y71 D . -21.78 -9.60 9.69
C4 Y71 D . -22.18 -11.07 9.79
C5 Y71 D . -23.64 -11.26 9.42
C6 Y71 D . -21.29 -11.93 8.90
C7 Y71 D . -20.03 -7.81 9.86
C8 Y71 D . -18.90 -6.12 8.47
C9 Y71 D . -17.38 -5.96 8.43
N1 Y71 D . -20.06 -9.71 11.44
N2 Y71 D . -19.27 -7.49 8.81
N3 Y71 D . -14.84 -5.35 10.85
O1 Y71 D . -17.85 -9.22 11.30
O2 Y71 D . -14.46 -6.47 8.89
O3 Y71 D . -19.32 -4.34 6.87
O4 Y71 D . -20.44 -6.96 10.66
O5 Y71 D . -18.89 -9.57 13.30
C21 Y51 E . 24.69 5.20 -8.17
C14 Y51 E . 14.78 8.09 -13.69
C13 Y51 E . 16.98 4.63 -11.96
C12 Y51 E . 17.35 3.53 -10.99
C16 Y51 E . 23.17 6.83 -9.11
C15 Y51 E . 21.79 6.72 -9.72
C1 Y51 E . 20.38 8.10 -11.03
C10 Y51 E . 16.54 5.79 -11.08
C11 Y51 E . 16.15 5.12 -9.78
C17 Y51 E . 24.34 6.36 -10.04
C18 Y51 E . 25.45 6.26 -9.00
C19 Y51 E . 24.11 4.91 -10.35
C2 Y51 E . 19.08 9.58 -12.44
C20 Y51 E . 24.37 4.22 -9.25
C22 Y51 E . 23.37 5.95 -7.86
C3 Y51 E . 19.28 10.63 -13.53
C4 Y51 E . 20.10 11.86 -13.11
C5 Y51 E . 20.18 12.87 -14.26
C6 Y51 E . 19.53 12.51 -11.86
C7 Y51 E . 18.18 8.44 -12.98
C8 Y51 E . 15.94 7.43 -12.94
C9 Y51 E . 15.45 6.66 -11.70
N1 Y51 E . 20.35 9.09 -11.94
N2 Y51 E . 16.92 8.44 -12.56
N3 Y51 E . 16.49 3.84 -9.85
O1 Y51 E . 19.39 7.57 -10.57
O2 Y51 E . 15.60 5.66 -8.81
O3 Y51 E . 15.22 8.70 -14.89
O4 Y51 E . 18.65 7.60 -13.74
O5 Y51 E . 21.65 7.79 -10.70
C1 Y71 F . 20.42 8.27 -10.79
C10 Y71 F . 16.46 5.76 -10.97
C11 Y71 F . 15.99 5.06 -9.71
C12 Y71 F . 17.31 3.52 -10.87
C13 Y71 F . 16.93 4.61 -11.85
C14 Y71 F . 14.87 8.10 -13.65
C15 Y71 F . 21.77 6.73 -9.60
C16 Y71 F . 23.14 6.80 -8.95
C17 Y71 F . 24.31 6.29 -9.84
C18 Y71 F . 25.40 6.18 -8.78
C19 Y71 F . 24.06 4.84 -10.13
C2 Y71 F . 19.11 9.57 -12.32
C20 Y71 F . 24.28 4.17 -9.02
C21 Y71 F . 24.60 5.16 -7.95
C22 Y71 F . 23.29 5.93 -7.69
C3 Y71 F . 19.29 10.61 -13.43
C4 Y71 F . 20.09 11.85 -13.04
C5 Y71 F . 20.14 12.87 -14.18
C6 Y71 F . 19.53 12.50 -11.78
C7 Y71 F . 18.24 8.41 -12.82
C8 Y71 F . 15.98 7.42 -12.85
C9 Y71 F . 15.42 6.66 -11.63
N1 Y71 F . 20.40 9.12 -11.81
N2 Y71 F . 16.96 8.42 -12.42
N3 Y71 F . 16.38 3.80 -9.77
O1 Y71 F . 19.45 7.95 -10.14
O2 Y71 F . 15.38 5.58 -8.77
O3 Y71 F . 13.96 7.15 -14.18
O4 Y71 F . 18.72 7.53 -13.51
O5 Y71 F . 21.67 7.80 -10.57
O1 PG4 G . -4.83 13.80 -25.94
C1 PG4 G . -4.03 12.67 -25.62
C2 PG4 G . -4.89 11.49 -25.36
O2 PG4 G . -5.49 11.66 -24.08
C3 PG4 G . -6.59 10.82 -23.81
C4 PG4 G . -7.07 11.14 -22.44
O3 PG4 G . -6.14 10.63 -21.50
C5 PG4 G . -6.43 11.21 -20.23
C6 PG4 G . -5.31 10.84 -19.31
O4 PG4 G . -5.28 9.43 -19.16
C7 PG4 G . -4.03 9.09 -18.56
C8 PG4 G . -3.87 7.60 -18.55
O5 PG4 G . -3.73 7.11 -19.88
#